data_7BUM
#
_entry.id   7BUM
#
_cell.length_a   48.337
_cell.length_b   109.592
_cell.length_c   75.870
_cell.angle_alpha   90.000
_cell.angle_beta   93.930
_cell.angle_gamma   90.000
#
_symmetry.space_group_name_H-M   'P 1 21 1'
#
loop_
_entity.id
_entity.type
_entity.pdbx_description
1 polymer 'Cyclic GMP-AMP synthase'
2 non-polymer 'ZINC ION'
3 non-polymer 'ADENOSINE MONOPHOSPHATE'
4 non-polymer "GUANOSINE-5'-MONOPHOSPHATE"
5 water water
#
_entity_poly.entity_id   1
_entity_poly.type   'polypeptide(L)'
_entity_poly.pdbx_seq_one_letter_code
;MEDPRRRTTAPRAKKPSAKRAPTQPSRTRAHAESCGPQRGARSRRAERDGDTTEKPRAPGPRVHPARATELTKDAQPSAM
DAAGATARPAVRVPQQQAILDPELPAVREPQPPADPEARKVVRGPSHRRGARSTGQPRAPRGSRKEPDKLKKVLDKLRLK
RKDISEAAETVNKVVERLLRRMQKRESEFKGVEQLNTGSYYEHVKISAPNEFDVMFKLEVPRIELQEYYETGAFYLVKFK
RIPRGNPLSHFLEGEVLSATKMLSKFRKIIKEEVKEIKDIDVSVEKEKPGSPAVTLLIRNPEEISVDIILALESKGSWPI
STKEGLPIQGWLGTKVRTNLRREPFYLVPKNAKDGNSFQGETWRLSFSHTEKYILNNHGIEKTCCESSGAKCCRKECLKL
MKYLLEQLKKEFQELDAFCSYHVKTAIFHMWTQDPQDSQWDPRNLSSCFDKLLAFFLECLRTEKLDHYFIPKFNLFSQEL
IDRKSKEFLSKKIEYERNNGFPIFDKL
;
_entity_poly.pdbx_strand_id   A,B
#
# COMPACT_ATOMS: atom_id res chain seq x y z
N PRO A 147 -8.56 -30.60 -6.66
CA PRO A 147 -9.89 -30.01 -6.73
C PRO A 147 -9.75 -28.67 -7.37
N ASP A 148 -10.18 -27.64 -6.66
CA ASP A 148 -10.03 -26.27 -7.06
C ASP A 148 -9.07 -25.89 -5.97
N LYS A 149 -7.83 -26.19 -6.24
CA LYS A 149 -6.81 -25.98 -5.29
C LYS A 149 -6.13 -24.77 -5.66
N LEU A 150 -6.49 -24.18 -6.79
CA LEU A 150 -5.80 -23.00 -7.14
C LEU A 150 -6.44 -21.82 -6.49
N LYS A 151 -7.64 -21.96 -6.00
CA LYS A 151 -8.25 -20.84 -5.33
C LYS A 151 -7.50 -20.63 -4.05
N LYS A 152 -6.99 -21.71 -3.48
CA LYS A 152 -6.20 -21.74 -2.30
C LYS A 152 -4.82 -21.26 -2.62
N VAL A 153 -4.31 -21.47 -3.82
CA VAL A 153 -2.99 -20.95 -4.11
C VAL A 153 -3.06 -19.44 -4.31
N LEU A 154 -4.18 -18.93 -4.81
CA LEU A 154 -4.33 -17.49 -4.88
C LEU A 154 -4.39 -16.90 -3.47
N ASP A 155 -5.14 -17.54 -2.57
CA ASP A 155 -5.18 -17.07 -1.19
C ASP A 155 -3.80 -17.01 -0.54
N LYS A 156 -2.88 -17.90 -0.94
CA LYS A 156 -1.57 -17.92 -0.32
C LYS A 156 -0.63 -16.88 -0.91
N LEU A 157 -0.99 -16.24 -2.02
CA LEU A 157 -0.25 -15.09 -2.53
C LEU A 157 -0.81 -13.76 -2.04
N ARG A 158 -2.10 -13.68 -1.77
CA ARG A 158 -2.63 -12.50 -1.10
C ARG A 158 -2.02 -12.34 0.29
N LEU A 159 -1.69 -13.45 0.89
CA LEU A 159 -1.11 -13.42 2.20
C LEU A 159 0.40 -13.43 2.21
N LYS A 160 0.99 -13.30 1.05
CA LYS A 160 2.41 -13.16 0.85
C LYS A 160 2.68 -11.74 0.35
N ARG A 161 1.64 -11.00 -0.03
CA ARG A 161 1.84 -9.64 -0.48
C ARG A 161 2.06 -8.75 0.72
N LYS A 162 1.40 -8.99 1.81
CA LYS A 162 1.58 -8.13 2.94
C LYS A 162 2.93 -8.38 3.45
N ASP A 163 3.42 -9.59 3.28
CA ASP A 163 4.75 -9.89 3.84
C ASP A 163 5.85 -9.03 3.20
N ILE A 164 5.47 -8.19 2.24
CA ILE A 164 6.40 -7.28 1.56
C ILE A 164 5.95 -5.84 1.61
N SER A 165 4.93 -5.51 2.37
CA SER A 165 4.50 -4.15 2.39
C SER A 165 5.57 -3.23 2.94
N GLU A 166 6.52 -3.78 3.64
CA GLU A 166 7.57 -2.98 4.23
C GLU A 166 8.58 -2.58 3.19
N ALA A 167 9.11 -3.54 2.48
CA ALA A 167 10.07 -3.26 1.46
C ALA A 167 9.43 -2.36 0.43
N ALA A 168 8.15 -2.58 0.14
CA ALA A 168 7.44 -1.71 -0.78
C ALA A 168 7.50 -0.25 -0.31
N GLU A 169 7.16 0.00 0.96
CA GLU A 169 7.29 1.35 1.50
C GLU A 169 8.74 1.77 1.63
N THR A 170 9.66 0.82 1.78
CA THR A 170 11.10 1.13 1.73
C THR A 170 11.47 1.75 0.40
N VAL A 171 10.99 1.16 -0.71
CA VAL A 171 11.35 1.64 -2.04
C VAL A 171 10.63 2.95 -2.39
N ASN A 172 9.41 3.15 -1.89
CA ASN A 172 8.74 4.44 -2.03
C ASN A 172 9.53 5.59 -1.39
N LYS A 173 10.00 5.39 -0.15
CA LYS A 173 10.82 6.41 0.49
C LYS A 173 12.14 6.59 -0.24
N VAL A 174 12.70 5.51 -0.79
CA VAL A 174 14.00 5.61 -1.44
C VAL A 174 13.91 6.33 -2.79
N VAL A 175 12.89 6.02 -3.59
CA VAL A 175 12.77 6.63 -4.93
C VAL A 175 12.26 8.07 -4.85
N GLU A 176 11.31 8.35 -3.96
CA GLU A 176 10.78 9.71 -3.83
C GLU A 176 11.83 10.68 -3.33
N ARG A 177 12.63 10.27 -2.34
CA ARG A 177 13.76 11.10 -1.95
C ARG A 177 14.77 11.22 -3.10
N LEU A 178 15.00 10.12 -3.82
CA LEU A 178 15.92 10.15 -4.97
C LEU A 178 15.40 11.07 -6.06
N LEU A 179 14.14 10.90 -6.45
CA LEU A 179 13.55 11.80 -7.45
C LEU A 179 13.70 13.26 -7.02
N ARG A 180 13.31 13.58 -5.79
CA ARG A 180 13.38 14.96 -5.31
C ARG A 180 14.79 15.51 -5.38
N ARG A 181 15.77 14.66 -5.10
CA ARG A 181 17.17 15.06 -5.13
C ARG A 181 17.64 15.30 -6.56
N MET A 182 17.03 14.59 -7.51
CA MET A 182 17.38 14.72 -8.92
C MET A 182 16.87 16.04 -9.49
N GLN A 183 15.64 16.40 -9.14
CA GLN A 183 15.03 17.63 -9.61
C GLN A 183 15.24 18.87 -8.80
N LYS A 184 16.36 18.96 -8.11
CA LYS A 184 16.73 20.11 -7.33
C LYS A 184 18.20 20.28 -7.56
N ARG A 185 18.69 19.95 -8.75
CA ARG A 185 20.09 20.07 -9.03
C ARG A 185 20.35 20.23 -10.52
N GLU A 186 21.48 20.80 -10.91
CA GLU A 186 21.69 20.98 -12.31
C GLU A 186 22.30 19.82 -13.06
N SER A 187 21.46 19.07 -13.73
CA SER A 187 21.76 17.94 -14.60
C SER A 187 20.75 17.93 -15.74
N GLU A 188 21.06 17.13 -16.76
CA GLU A 188 20.15 16.99 -17.89
C GLU A 188 18.84 16.35 -17.49
N PHE A 189 18.83 15.64 -16.36
CA PHE A 189 17.64 14.97 -15.85
C PHE A 189 16.97 15.77 -14.73
N LYS A 190 17.17 17.09 -14.69
CA LYS A 190 16.45 17.89 -13.71
C LYS A 190 14.95 17.85 -13.94
N GLY A 191 14.52 17.74 -15.21
CA GLY A 191 13.10 17.66 -15.51
C GLY A 191 12.54 16.25 -15.54
N VAL A 192 13.09 15.35 -14.72
CA VAL A 192 12.70 13.95 -14.72
C VAL A 192 11.50 13.76 -13.79
N GLU A 193 10.63 12.83 -14.17
CA GLU A 193 9.47 12.48 -13.38
C GLU A 193 9.34 10.97 -13.34
N GLN A 194 8.63 10.47 -12.33
CA GLN A 194 8.34 9.05 -12.25
C GLN A 194 7.16 8.77 -13.15
N LEU A 195 7.34 7.81 -14.05
CA LEU A 195 6.21 7.38 -14.87
C LEU A 195 5.29 6.55 -13.99
N ASN A 196 4.06 6.98 -13.92
CA ASN A 196 3.08 6.27 -13.18
C ASN A 196 2.69 5.02 -13.88
N THR A 197 3.54 4.04 -13.77
CA THR A 197 3.33 2.69 -14.29
C THR A 197 2.62 1.80 -13.29
N GLY A 198 1.64 2.32 -12.56
CA GLY A 198 1.02 1.59 -11.47
C GLY A 198 1.78 1.75 -10.17
N SER A 199 1.74 0.73 -9.30
CA SER A 199 2.41 0.80 -8.01
C SER A 199 2.90 -0.59 -7.61
N TYR A 200 3.39 -0.79 -6.40
CA TYR A 200 3.90 -2.07 -5.99
C TYR A 200 2.82 -3.10 -5.71
N TYR A 201 1.57 -2.76 -6.07
CA TYR A 201 0.41 -3.62 -5.82
C TYR A 201 0.35 -4.50 -7.02
N GLU A 202 1.50 -4.55 -7.63
CA GLU A 202 1.80 -5.28 -8.83
C GLU A 202 2.01 -6.67 -8.42
N HIS A 203 1.12 -7.55 -8.83
CA HIS A 203 1.30 -8.96 -8.53
C HIS A 203 0.92 -9.70 -9.78
N VAL A 204 -0.20 -9.29 -10.36
CA VAL A 204 -0.58 -9.91 -11.62
C VAL A 204 0.51 -9.86 -12.70
N LYS A 205 1.07 -8.65 -12.86
CA LYS A 205 2.04 -8.24 -13.87
C LYS A 205 3.54 -8.64 -13.78
N ILE A 206 4.02 -8.94 -12.56
CA ILE A 206 5.41 -9.33 -12.30
C ILE A 206 5.61 -10.01 -10.92
N SER A 207 6.79 -10.60 -10.70
CA SER A 207 7.22 -11.31 -9.47
C SER A 207 6.44 -11.19 -8.17
N ALA A 208 5.90 -12.31 -7.74
CA ALA A 208 5.16 -12.35 -6.48
C ALA A 208 6.14 -12.36 -5.31
N PRO A 209 7.32 -12.97 -5.50
CA PRO A 209 8.30 -13.04 -4.41
C PRO A 209 9.47 -12.05 -4.46
N ASN A 210 10.02 -11.71 -5.63
CA ASN A 210 11.17 -10.82 -5.63
C ASN A 210 11.36 -9.91 -6.88
N GLU A 211 10.65 -8.77 -6.95
CA GLU A 211 10.74 -7.79 -8.06
C GLU A 211 10.03 -6.45 -7.80
N PHE A 212 10.74 -5.39 -8.22
CA PHE A 212 10.35 -3.97 -8.14
C PHE A 212 10.97 -3.14 -9.29
N ASP A 213 10.12 -2.69 -10.21
CA ASP A 213 10.38 -1.89 -11.39
C ASP A 213 9.93 -0.44 -11.19
N VAL A 214 10.59 0.48 -11.89
CA VAL A 214 10.27 1.89 -11.78
C VAL A 214 10.83 2.57 -13.02
N MET A 215 10.15 3.58 -13.49
CA MET A 215 10.57 4.25 -14.69
C MET A 215 10.60 5.74 -14.44
N PHE A 216 11.65 6.36 -14.95
CA PHE A 216 11.84 7.80 -14.87
C PHE A 216 11.56 8.37 -16.25
N LYS A 217 10.50 9.16 -16.35
CA LYS A 217 10.16 9.77 -17.64
C LYS A 217 10.83 11.13 -17.77
N LEU A 218 11.38 11.39 -18.95
CA LEU A 218 12.00 12.66 -19.26
C LEU A 218 11.42 13.09 -20.58
N GLU A 219 10.58 14.13 -20.55
CA GLU A 219 9.93 14.54 -21.78
C GLU A 219 10.96 15.17 -22.71
N VAL A 220 10.80 14.90 -24.00
CA VAL A 220 11.81 15.27 -24.98
C VAL A 220 11.13 16.16 -26.01
N PRO A 221 11.88 16.81 -26.89
CA PRO A 221 11.28 17.62 -27.93
C PRO A 221 10.72 16.86 -29.14
N ARG A 222 10.56 17.56 -30.26
CA ARG A 222 10.04 16.91 -31.44
C ARG A 222 11.12 15.95 -31.79
N ILE A 223 10.69 14.72 -31.85
CA ILE A 223 11.51 13.52 -31.96
C ILE A 223 11.35 12.96 -33.37
N GLU A 224 12.42 12.42 -33.92
CA GLU A 224 12.37 11.87 -35.28
C GLU A 224 12.79 10.41 -35.24
N LEU A 225 11.82 9.54 -34.97
CA LEU A 225 12.10 8.12 -34.91
C LEU A 225 12.34 7.56 -36.29
N GLN A 226 13.42 6.79 -36.44
CA GLN A 226 13.72 6.08 -37.68
C GLN A 226 13.87 4.62 -37.32
N GLU A 227 12.97 3.79 -37.83
CA GLU A 227 12.96 2.36 -37.53
C GLU A 227 14.33 1.73 -37.80
N TYR A 228 14.72 0.82 -36.91
CA TYR A 228 15.95 0.02 -37.03
C TYR A 228 15.65 -1.09 -38.03
N TYR A 229 15.89 -0.78 -39.31
CA TYR A 229 15.29 -1.45 -40.47
C TYR A 229 13.80 -1.61 -40.26
N GLU A 230 13.31 -2.86 -40.31
CA GLU A 230 11.96 -3.24 -39.93
C GLU A 230 12.08 -4.15 -38.72
N THR A 231 11.89 -3.59 -37.54
CA THR A 231 11.68 -4.36 -36.33
C THR A 231 10.39 -3.96 -35.64
N GLY A 232 9.95 -2.73 -35.85
CA GLY A 232 8.83 -2.16 -35.13
C GLY A 232 9.18 -1.68 -33.76
N ALA A 233 9.97 -2.44 -33.02
CA ALA A 233 10.23 -2.15 -31.62
C ALA A 233 11.50 -1.36 -31.37
N PHE A 234 12.41 -1.30 -32.33
CA PHE A 234 13.71 -0.69 -32.10
C PHE A 234 13.91 0.48 -33.04
N TYR A 235 14.53 1.53 -32.50
CA TYR A 235 14.61 2.82 -33.18
C TYR A 235 15.93 3.49 -32.87
N LEU A 236 16.26 4.46 -33.72
CA LEU A 236 17.22 5.50 -33.42
C LEU A 236 16.44 6.79 -33.23
N VAL A 237 16.93 7.64 -32.35
CA VAL A 237 16.22 8.83 -31.91
C VAL A 237 16.97 10.02 -32.52
N LYS A 238 16.41 10.61 -33.57
CA LYS A 238 17.03 11.73 -34.26
C LYS A 238 16.37 13.04 -33.87
N PHE A 239 17.16 14.12 -33.94
CA PHE A 239 16.70 15.47 -33.61
C PHE A 239 17.19 16.43 -34.69
N LYS A 240 16.25 16.99 -35.43
CA LYS A 240 16.57 17.94 -36.49
C LYS A 240 16.61 19.36 -35.94
N ARG A 241 15.66 19.66 -35.05
CA ARG A 241 15.58 20.99 -34.46
C ARG A 241 15.57 20.91 -32.93
N ILE A 242 16.73 21.12 -32.33
CA ILE A 242 16.87 21.08 -30.88
C ILE A 242 16.51 22.44 -30.26
N PRO A 243 15.43 22.48 -29.48
CA PRO A 243 14.97 23.71 -28.81
C PRO A 243 16.07 24.33 -27.98
N ARG A 244 16.34 25.62 -28.20
CA ARG A 244 17.37 26.34 -27.45
C ARG A 244 17.08 26.30 -25.95
N GLY A 245 17.89 25.55 -25.22
CA GLY A 245 17.72 25.43 -23.78
C GLY A 245 17.53 24.01 -23.33
N ASN A 246 17.70 23.08 -24.27
CA ASN A 246 17.54 21.65 -23.97
C ASN A 246 18.88 20.99 -23.70
N PRO A 247 19.03 20.43 -22.48
CA PRO A 247 20.27 19.76 -22.06
C PRO A 247 20.53 18.46 -22.79
N LEU A 248 19.57 18.00 -23.61
CA LEU A 248 19.68 16.75 -24.35
C LEU A 248 20.67 16.85 -25.49
N SER A 249 21.40 17.96 -25.57
CA SER A 249 22.44 18.15 -26.57
C SER A 249 23.70 17.37 -26.20
N HIS A 250 24.15 17.43 -24.95
CA HIS A 250 25.41 16.77 -24.59
C HIS A 250 25.39 15.28 -24.93
N PHE A 251 24.21 14.66 -25.01
CA PHE A 251 24.11 13.24 -25.26
C PHE A 251 24.03 12.93 -26.75
N LEU A 252 24.35 13.89 -27.60
CA LEU A 252 24.26 13.67 -29.03
C LEU A 252 25.51 12.99 -29.59
N GLU A 253 25.33 12.26 -30.70
CA GLU A 253 26.39 11.84 -31.61
C GLU A 253 25.96 12.29 -33.02
N GLY A 254 26.37 13.49 -33.41
CA GLY A 254 26.05 13.99 -34.74
C GLY A 254 24.62 14.48 -34.85
N GLU A 255 23.70 13.58 -35.15
CA GLU A 255 22.29 13.92 -35.13
C GLU A 255 21.44 12.84 -34.45
N VAL A 256 22.07 11.86 -33.81
CA VAL A 256 21.39 10.70 -33.21
C VAL A 256 21.72 10.63 -31.72
N LEU A 257 20.67 10.60 -30.89
CA LEU A 257 20.84 10.54 -29.45
C LEU A 257 21.42 9.19 -29.06
N SER A 258 22.33 9.20 -28.09
CA SER A 258 22.99 7.99 -27.62
C SER A 258 22.38 7.55 -26.29
N ALA A 259 21.84 6.36 -26.29
CA ALA A 259 21.34 5.78 -25.09
C ALA A 259 22.57 5.60 -24.24
N THR A 260 23.56 4.99 -24.84
CA THR A 260 24.80 4.67 -24.22
C THR A 260 25.45 5.80 -23.45
N LYS A 261 25.51 6.97 -24.03
CA LYS A 261 26.11 8.13 -23.36
C LYS A 261 25.17 8.73 -22.33
N MET A 262 23.87 8.73 -22.63
CA MET A 262 22.87 9.22 -21.69
C MET A 262 22.77 8.28 -20.48
N LEU A 263 22.66 6.99 -20.74
CA LEU A 263 22.59 5.98 -19.69
C LEU A 263 23.78 6.08 -18.76
N SER A 264 24.96 6.32 -19.32
CA SER A 264 26.18 6.36 -18.52
C SER A 264 26.36 7.69 -17.80
N LYS A 265 25.52 8.68 -18.09
CA LYS A 265 25.35 9.83 -17.20
C LYS A 265 24.16 9.65 -16.26
N PHE A 266 23.20 8.80 -16.62
CA PHE A 266 22.13 8.47 -15.71
C PHE A 266 22.65 7.69 -14.50
N ARG A 267 23.64 6.87 -14.68
CA ARG A 267 24.15 6.15 -13.54
C ARG A 267 24.97 7.07 -12.63
N LYS A 268 25.75 7.96 -13.19
CA LYS A 268 26.62 8.81 -12.38
C LYS A 268 25.80 9.69 -11.44
N ILE A 269 24.87 10.47 -11.99
CA ILE A 269 24.05 11.39 -11.20
C ILE A 269 23.30 10.68 -10.09
N ILE A 270 23.02 9.38 -10.26
CA ILE A 270 22.36 8.61 -9.21
C ILE A 270 23.32 8.26 -8.08
N LYS A 271 24.46 7.61 -8.37
CA LYS A 271 25.38 7.22 -7.30
C LYS A 271 25.91 8.44 -6.55
N GLU A 272 25.90 9.62 -7.17
CA GLU A 272 26.21 10.84 -6.44
C GLU A 272 25.04 11.35 -5.60
N GLU A 273 23.89 10.66 -5.60
CA GLU A 273 22.75 11.03 -4.75
C GLU A 273 22.28 9.87 -3.87
N VAL A 274 22.64 8.65 -4.20
CA VAL A 274 22.32 7.53 -3.34
C VAL A 274 23.43 7.24 -2.35
N LYS A 275 24.52 7.99 -2.52
CA LYS A 275 25.67 7.91 -1.63
C LYS A 275 25.51 8.99 -0.57
N GLU A 276 24.80 10.06 -0.93
CA GLU A 276 24.53 11.17 -0.04
C GLU A 276 23.05 11.20 0.32
N ILE A 277 22.34 10.13 0.08
CA ILE A 277 20.93 10.09 0.38
C ILE A 277 21.01 9.39 1.70
N LYS A 278 21.51 10.12 2.69
CA LYS A 278 21.82 9.59 4.02
C LYS A 278 22.65 8.35 3.76
N ASP A 279 22.20 7.21 4.26
CA ASP A 279 22.90 5.93 4.10
C ASP A 279 21.98 4.76 4.42
N ILE A 280 21.12 4.41 3.48
CA ILE A 280 20.19 3.30 3.67
C ILE A 280 20.80 1.97 3.21
N ASP A 281 20.06 0.88 3.39
CA ASP A 281 20.54 -0.43 3.00
C ASP A 281 20.00 -0.98 1.69
N VAL A 282 19.91 -0.13 0.67
CA VAL A 282 19.42 -0.56 -0.63
C VAL A 282 20.64 -0.71 -1.52
N SER A 283 20.76 -1.79 -2.29
CA SER A 283 21.96 -1.90 -3.11
C SER A 283 21.95 -0.90 -4.27
N VAL A 284 23.15 -0.76 -4.82
CA VAL A 284 23.46 0.03 -6.01
C VAL A 284 24.23 -1.02 -6.82
N GLU A 285 23.47 -1.88 -7.51
CA GLU A 285 24.00 -3.02 -8.27
C GLU A 285 24.80 -2.80 -9.57
N LYS A 286 25.30 -3.93 -10.02
CA LYS A 286 26.17 -4.03 -11.15
C LYS A 286 25.64 -3.39 -12.36
N GLU A 287 26.55 -2.69 -13.02
CA GLU A 287 26.28 -2.04 -14.28
C GLU A 287 26.21 -3.25 -15.18
N LYS A 288 25.07 -3.43 -15.83
CA LYS A 288 24.85 -4.63 -16.62
C LYS A 288 24.81 -4.36 -18.07
N PRO A 289 24.81 -5.42 -18.85
CA PRO A 289 24.69 -5.26 -20.30
C PRO A 289 23.25 -5.52 -20.79
N GLY A 290 22.83 -4.81 -21.83
CA GLY A 290 21.50 -4.97 -22.37
C GLY A 290 20.42 -4.34 -21.52
N SER A 291 20.33 -4.80 -20.27
CA SER A 291 19.39 -4.30 -19.29
C SER A 291 19.40 -2.78 -19.24
N PRO A 292 18.37 -2.12 -19.76
CA PRO A 292 18.30 -0.66 -19.62
C PRO A 292 17.87 -0.20 -18.22
N ALA A 293 18.67 -0.50 -17.21
CA ALA A 293 18.34 -0.02 -15.87
C ALA A 293 19.60 0.16 -15.04
N VAL A 294 19.46 0.94 -13.97
CA VAL A 294 20.47 0.98 -12.92
C VAL A 294 19.93 0.04 -11.84
N THR A 295 20.23 -1.25 -11.96
CA THR A 295 19.61 -2.25 -11.09
C THR A 295 19.91 -1.97 -9.63
N LEU A 296 18.89 -2.15 -8.79
CA LEU A 296 19.07 -2.18 -7.34
C LEU A 296 18.26 -3.35 -6.79
N LEU A 297 18.27 -3.49 -5.46
CA LEU A 297 17.48 -4.52 -4.79
C LEU A 297 17.38 -4.21 -3.30
N ILE A 298 16.42 -4.86 -2.65
CA ILE A 298 16.26 -4.71 -1.21
C ILE A 298 17.40 -5.40 -0.46
N ARG A 299 17.95 -4.71 0.54
CA ARG A 299 19.03 -5.24 1.35
C ARG A 299 18.69 -5.15 2.83
N ASN A 300 17.46 -4.75 3.14
CA ASN A 300 16.99 -4.64 4.51
C ASN A 300 16.66 -6.03 5.07
N PRO A 301 15.48 -6.55 4.73
CA PRO A 301 15.00 -7.86 5.17
C PRO A 301 15.64 -9.00 4.38
N GLU A 302 14.94 -9.52 3.38
CA GLU A 302 15.47 -10.59 2.53
C GLU A 302 16.35 -9.92 1.46
N GLU A 303 15.85 -9.87 0.22
CA GLU A 303 16.54 -9.30 -0.95
C GLU A 303 15.63 -9.16 -2.17
N ILE A 304 14.72 -8.19 -2.15
CA ILE A 304 13.83 -7.98 -3.29
C ILE A 304 14.57 -7.13 -4.32
N SER A 305 14.23 -7.25 -5.60
CA SER A 305 14.96 -6.47 -6.60
C SER A 305 14.18 -5.22 -7.06
N VAL A 306 14.91 -4.13 -7.35
CA VAL A 306 14.36 -2.80 -7.69
C VAL A 306 15.22 -2.04 -8.70
N ASP A 307 14.87 -2.07 -9.99
CA ASP A 307 15.73 -1.39 -10.96
C ASP A 307 15.01 -0.26 -11.68
N ILE A 308 15.80 0.80 -11.93
CA ILE A 308 15.32 2.11 -12.36
C ILE A 308 15.57 2.28 -13.84
N ILE A 309 14.50 2.44 -14.60
CA ILE A 309 14.58 2.48 -16.05
C ILE A 309 14.33 3.91 -16.51
N LEU A 310 15.33 4.48 -17.15
CA LEU A 310 15.17 5.76 -17.79
C LEU A 310 14.34 5.62 -19.06
N ALA A 311 13.26 6.38 -19.16
CA ALA A 311 12.40 6.38 -20.34
C ALA A 311 12.15 7.79 -20.82
N LEU A 312 12.40 8.01 -22.11
CA LEU A 312 11.96 9.21 -22.80
C LEU A 312 10.45 9.19 -23.01
N GLU A 313 9.82 10.33 -22.77
CA GLU A 313 8.40 10.51 -23.03
C GLU A 313 8.22 11.35 -24.28
N SER A 314 7.40 10.88 -25.22
CA SER A 314 7.07 11.68 -26.39
C SER A 314 5.57 11.86 -26.51
N LYS A 315 5.14 13.12 -26.59
CA LYS A 315 3.76 13.49 -26.78
C LYS A 315 3.38 13.50 -28.26
N GLY A 316 4.15 12.82 -29.10
CA GLY A 316 3.87 12.77 -30.52
C GLY A 316 2.83 11.73 -30.88
N SER A 317 2.76 11.43 -32.18
CA SER A 317 1.90 10.36 -32.69
C SER A 317 2.59 9.03 -32.53
N TRP A 318 1.83 8.02 -32.11
CA TRP A 318 2.39 6.71 -31.94
C TRP A 318 3.02 6.23 -33.25
N PRO A 319 4.14 5.53 -33.20
CA PRO A 319 4.88 5.20 -34.41
C PRO A 319 4.08 4.29 -35.34
N ILE A 320 4.45 4.38 -36.61
CA ILE A 320 3.75 3.71 -37.70
C ILE A 320 3.67 2.20 -37.50
N SER A 321 4.62 1.59 -36.77
CA SER A 321 4.64 0.14 -36.58
C SER A 321 3.56 -0.34 -35.62
N THR A 322 2.96 0.56 -34.88
CA THR A 322 1.97 0.22 -33.88
C THR A 322 0.54 0.54 -34.04
N LYS A 323 0.15 0.94 -35.25
CA LYS A 323 -1.26 1.22 -35.53
C LYS A 323 -2.23 0.01 -35.65
N GLU A 324 -1.70 -1.04 -36.27
CA GLU A 324 -2.42 -2.30 -36.38
C GLU A 324 -2.35 -2.96 -35.00
N GLY A 325 -1.75 -2.27 -34.04
CA GLY A 325 -1.63 -2.81 -32.70
C GLY A 325 -2.75 -2.39 -31.76
N LEU A 326 -2.83 -3.06 -30.60
CA LEU A 326 -3.87 -2.82 -29.60
C LEU A 326 -5.24 -3.13 -30.20
N PRO A 327 -5.55 -4.42 -30.38
CA PRO A 327 -6.81 -4.87 -30.95
C PRO A 327 -7.72 -4.88 -29.72
N ILE A 328 -8.37 -3.75 -29.45
CA ILE A 328 -9.26 -3.64 -28.30
C ILE A 328 -10.46 -2.87 -28.82
N GLN A 329 -10.94 -3.25 -30.00
CA GLN A 329 -12.08 -2.60 -30.62
C GLN A 329 -13.39 -3.25 -30.20
N GLY A 330 -13.42 -4.58 -30.20
CA GLY A 330 -14.60 -5.32 -29.84
C GLY A 330 -14.58 -5.80 -28.39
N TRP A 331 -13.64 -5.31 -27.59
CA TRP A 331 -13.58 -5.63 -26.16
C TRP A 331 -13.63 -4.35 -25.34
N LEU A 332 -12.59 -3.50 -25.40
CA LEU A 332 -12.53 -2.26 -24.60
C LEU A 332 -13.13 -1.06 -25.33
N GLY A 333 -13.32 -1.14 -26.64
CA GLY A 333 -13.95 -0.04 -27.35
C GLY A 333 -13.06 0.65 -28.36
N THR A 334 -13.65 1.18 -29.43
CA THR A 334 -12.91 2.08 -30.32
C THR A 334 -12.62 3.42 -29.62
N LYS A 335 -13.56 3.89 -28.80
CA LYS A 335 -13.47 5.19 -28.13
C LYS A 335 -12.29 5.22 -27.15
N VAL A 336 -12.14 4.19 -26.33
CA VAL A 336 -11.03 4.19 -25.38
C VAL A 336 -9.71 3.99 -26.12
N ARG A 337 -9.69 3.14 -27.16
CA ARG A 337 -8.48 2.99 -27.98
C ARG A 337 -7.97 4.33 -28.49
N THR A 338 -8.90 5.14 -28.99
CA THR A 338 -8.53 6.45 -29.49
C THR A 338 -7.90 7.29 -28.38
N ASN A 339 -8.50 7.27 -27.19
CA ASN A 339 -7.92 8.02 -26.08
C ASN A 339 -6.58 7.44 -25.66
N LEU A 340 -6.41 6.13 -25.76
CA LEU A 340 -5.17 5.52 -25.29
C LEU A 340 -4.00 5.80 -26.22
N ARG A 341 -4.28 6.05 -27.51
CA ARG A 341 -3.24 6.39 -28.47
C ARG A 341 -3.05 7.90 -28.61
N ARG A 342 -3.74 8.70 -27.83
CA ARG A 342 -3.48 10.13 -27.79
C ARG A 342 -2.63 10.52 -26.60
N GLU A 343 -2.26 9.56 -25.73
CA GLU A 343 -1.33 9.77 -24.63
C GLU A 343 0.08 9.38 -25.10
N PRO A 344 1.12 9.90 -24.47
CA PRO A 344 2.48 9.72 -25.01
C PRO A 344 2.89 8.25 -25.18
N PHE A 345 4.02 8.05 -25.88
CA PHE A 345 4.70 6.76 -25.94
C PHE A 345 6.11 6.92 -25.41
N TYR A 346 6.68 5.83 -24.96
CA TYR A 346 7.90 5.90 -24.20
C TYR A 346 9.00 5.16 -24.95
N LEU A 347 10.24 5.48 -24.61
CA LEU A 347 11.41 4.85 -25.17
C LEU A 347 12.30 4.46 -24.02
N VAL A 348 12.62 3.17 -23.92
CA VAL A 348 13.63 2.68 -22.99
C VAL A 348 14.86 2.31 -23.82
N PRO A 349 16.07 2.53 -23.29
CA PRO A 349 17.33 2.30 -23.99
C PRO A 349 17.78 0.85 -24.05
N LYS A 350 17.20 0.06 -24.93
CA LYS A 350 17.49 -1.35 -25.00
C LYS A 350 18.30 -1.63 -26.25
N ASN A 351 19.52 -2.11 -26.08
CA ASN A 351 20.35 -2.47 -27.22
C ASN A 351 19.78 -3.73 -27.88
N ALA A 352 20.02 -3.86 -29.17
CA ALA A 352 19.35 -4.85 -30.01
C ALA A 352 20.29 -6.00 -30.39
N LYS A 353 19.96 -6.71 -31.50
CA LYS A 353 20.67 -7.92 -31.97
C LYS A 353 20.83 -7.81 -33.49
N ASP A 354 21.69 -6.88 -33.93
CA ASP A 354 21.84 -6.60 -35.36
C ASP A 354 23.04 -5.68 -35.54
N GLY A 355 23.42 -5.50 -36.80
CA GLY A 355 24.75 -5.06 -37.16
C GLY A 355 25.68 -6.25 -36.98
N ASN A 356 26.13 -6.35 -35.73
CA ASN A 356 26.90 -7.45 -35.22
C ASN A 356 25.86 -7.97 -34.21
N SER A 357 25.68 -7.17 -33.17
CA SER A 357 24.76 -7.34 -32.04
C SER A 357 25.00 -6.17 -31.13
N PHE A 358 23.97 -5.79 -30.38
CA PHE A 358 24.03 -4.65 -29.46
C PHE A 358 24.53 -3.40 -30.13
N GLN A 359 23.69 -2.83 -31.00
CA GLN A 359 24.04 -1.58 -31.65
C GLN A 359 23.96 -0.54 -30.54
N GLY A 360 25.02 0.24 -30.36
CA GLY A 360 25.05 1.24 -29.30
C GLY A 360 24.41 2.58 -29.59
N GLU A 361 23.17 2.56 -30.07
CA GLU A 361 22.44 3.79 -30.38
C GLU A 361 20.94 3.55 -30.52
N THR A 362 20.45 2.41 -30.06
CA THR A 362 19.03 2.13 -30.19
C THR A 362 18.21 2.19 -28.89
N TRP A 363 16.93 2.45 -29.11
CA TRP A 363 15.87 2.54 -28.12
C TRP A 363 14.73 1.59 -28.46
N ARG A 364 14.08 1.08 -27.44
CA ARG A 364 12.97 0.22 -27.71
C ARG A 364 11.73 0.93 -27.25
N LEU A 365 10.62 0.60 -27.89
CA LEU A 365 9.29 1.08 -27.53
C LEU A 365 8.85 0.52 -26.17
N SER A 366 7.92 1.24 -25.55
CA SER A 366 7.46 0.87 -24.22
C SER A 366 6.04 1.36 -24.06
N PHE A 367 5.20 0.49 -23.56
CA PHE A 367 3.79 0.80 -23.43
C PHE A 367 3.29 0.45 -22.03
N SER A 368 4.21 0.36 -21.07
CA SER A 368 3.84 0.02 -19.70
C SER A 368 2.76 0.92 -19.12
N HIS A 369 2.67 2.17 -19.60
CA HIS A 369 1.56 2.99 -19.13
C HIS A 369 0.25 2.42 -19.61
N THR A 370 0.11 2.28 -20.93
CA THR A 370 -1.12 1.74 -21.49
C THR A 370 -1.43 0.34 -20.95
N GLU A 371 -0.39 -0.52 -20.89
CA GLU A 371 -0.54 -1.85 -20.32
C GLU A 371 -1.15 -1.83 -18.92
N LYS A 372 -0.69 -0.91 -18.08
CA LYS A 372 -1.35 -0.73 -16.79
C LYS A 372 -2.83 -0.41 -16.98
N TYR A 373 -3.16 0.53 -17.88
CA TYR A 373 -4.56 0.90 -18.04
C TYR A 373 -5.41 -0.32 -18.35
N ILE A 374 -4.97 -1.12 -19.32
CA ILE A 374 -5.72 -2.31 -19.72
C ILE A 374 -5.84 -3.31 -18.58
N LEU A 375 -4.80 -3.45 -17.73
CA LEU A 375 -4.90 -4.29 -16.53
C LEU A 375 -6.02 -3.83 -15.62
N ASN A 376 -6.06 -2.54 -15.27
CA ASN A 376 -7.06 -2.06 -14.33
C ASN A 376 -8.41 -1.80 -14.99
N ASN A 377 -8.50 -1.86 -16.31
CA ASN A 377 -9.76 -1.58 -16.99
C ASN A 377 -10.09 -2.71 -17.90
N HIS A 378 -9.90 -3.93 -17.39
CA HIS A 378 -9.85 -5.13 -18.21
C HIS A 378 -11.22 -5.55 -18.70
N GLY A 379 -12.28 -5.21 -17.98
CA GLY A 379 -13.59 -5.68 -18.37
C GLY A 379 -14.18 -4.86 -19.48
N ILE A 380 -15.10 -5.49 -20.23
CA ILE A 380 -15.94 -4.76 -21.17
C ILE A 380 -17.02 -4.00 -20.42
N GLU A 381 -17.55 -4.52 -19.30
CA GLU A 381 -18.44 -3.73 -18.47
C GLU A 381 -17.62 -2.85 -17.56
N LYS A 382 -17.94 -1.55 -17.53
CA LYS A 382 -17.17 -0.60 -16.76
C LYS A 382 -17.32 -0.77 -15.26
N THR A 383 -18.32 -1.54 -14.84
CA THR A 383 -18.52 -1.80 -13.43
C THR A 383 -17.76 -3.08 -13.11
N CYS A 384 -16.85 -3.46 -13.99
CA CYS A 384 -16.06 -4.67 -13.79
C CYS A 384 -15.20 -4.63 -12.54
N CYS A 385 -15.24 -5.72 -11.77
CA CYS A 385 -14.43 -5.89 -10.56
C CYS A 385 -14.63 -4.74 -9.60
N GLU A 386 -15.56 -3.82 -9.89
CA GLU A 386 -15.85 -2.70 -9.01
C GLU A 386 -16.75 -3.13 -7.86
N SER A 387 -17.08 -2.17 -6.99
CA SER A 387 -17.96 -2.46 -5.86
C SER A 387 -19.41 -2.69 -6.31
N SER A 388 -19.88 -1.89 -7.27
CA SER A 388 -21.25 -1.95 -7.76
C SER A 388 -21.36 -2.74 -9.05
N GLY A 389 -20.45 -3.69 -9.29
CA GLY A 389 -20.45 -4.51 -10.48
C GLY A 389 -20.06 -5.94 -10.18
N ALA A 390 -19.79 -6.75 -11.20
CA ALA A 390 -19.51 -8.17 -11.02
C ALA A 390 -18.02 -8.46 -11.08
N LYS A 391 -17.59 -9.47 -10.32
CA LYS A 391 -16.20 -9.89 -10.36
C LYS A 391 -15.92 -10.85 -11.51
N CYS A 392 -14.73 -10.72 -12.11
CA CYS A 392 -14.22 -11.71 -13.03
C CYS A 392 -12.94 -12.34 -12.46
N CYS A 393 -12.41 -13.34 -13.15
CA CYS A 393 -11.19 -14.02 -12.72
C CYS A 393 -10.00 -13.69 -13.62
N ARG A 394 -10.11 -12.63 -14.42
CA ARG A 394 -9.05 -12.26 -15.35
C ARG A 394 -7.69 -12.11 -14.67
N LYS A 395 -7.55 -11.10 -13.80
CA LYS A 395 -6.26 -10.87 -13.16
C LYS A 395 -5.84 -12.06 -12.31
N GLU A 396 -6.82 -12.82 -11.81
CA GLU A 396 -6.50 -14.06 -11.12
C GLU A 396 -5.75 -15.01 -12.05
N CYS A 397 -6.34 -15.32 -13.20
CA CYS A 397 -5.66 -16.17 -14.18
C CYS A 397 -4.27 -15.68 -14.49
N LEU A 398 -4.11 -14.36 -14.72
CA LEU A 398 -2.79 -13.84 -15.02
C LEU A 398 -1.79 -14.19 -13.93
N LYS A 399 -2.14 -13.98 -12.66
CA LYS A 399 -1.17 -14.25 -11.59
C LYS A 399 -0.82 -15.74 -11.52
N LEU A 400 -1.82 -16.61 -11.66
CA LEU A 400 -1.54 -18.04 -11.71
C LEU A 400 -0.53 -18.34 -12.80
N MET A 401 -0.81 -17.90 -14.03
CA MET A 401 0.09 -18.19 -15.14
C MET A 401 1.48 -17.60 -14.91
N LYS A 402 1.58 -16.38 -14.38
CA LYS A 402 2.90 -15.82 -14.13
C LYS A 402 3.65 -16.58 -13.04
N TYR A 403 2.95 -17.06 -12.02
CA TYR A 403 3.65 -17.83 -11.00
C TYR A 403 4.03 -19.21 -11.51
N LEU A 404 3.14 -19.84 -12.28
CA LEU A 404 3.50 -21.10 -12.92
C LEU A 404 4.83 -20.94 -13.65
N LEU A 405 4.94 -19.91 -14.48
CA LEU A 405 6.13 -19.76 -15.28
C LEU A 405 7.34 -19.43 -14.41
N GLU A 406 7.15 -18.74 -13.33
CA GLU A 406 8.30 -18.39 -12.56
C GLU A 406 8.86 -19.58 -11.88
N GLN A 407 7.96 -20.45 -11.42
CA GLN A 407 8.31 -21.69 -10.74
C GLN A 407 9.20 -22.49 -11.68
N LEU A 408 8.63 -22.88 -12.82
CA LEU A 408 9.37 -23.56 -13.87
C LEU A 408 10.68 -22.83 -14.18
N LYS A 409 10.62 -21.52 -14.36
CA LYS A 409 11.83 -20.76 -14.66
C LYS A 409 12.87 -20.94 -13.56
N LYS A 410 12.41 -20.94 -12.30
CA LYS A 410 13.24 -21.03 -11.09
C LYS A 410 13.95 -22.38 -10.96
N GLU A 411 13.76 -23.28 -11.90
CA GLU A 411 14.23 -24.65 -11.74
C GLU A 411 14.92 -25.19 -12.97
N PHE A 412 14.86 -24.50 -14.10
CA PHE A 412 15.43 -24.97 -15.36
C PHE A 412 16.17 -23.83 -16.03
N GLN A 413 17.43 -24.07 -16.38
CA GLN A 413 18.16 -23.10 -17.18
C GLN A 413 17.56 -22.99 -18.58
N GLU A 414 17.00 -24.09 -19.10
CA GLU A 414 16.46 -24.13 -20.46
C GLU A 414 15.35 -23.11 -20.68
N LEU A 415 14.68 -22.67 -19.62
CA LEU A 415 13.57 -21.72 -19.70
C LEU A 415 14.01 -20.28 -19.53
N ASP A 416 15.26 -19.95 -19.85
CA ASP A 416 15.72 -18.60 -19.58
C ASP A 416 15.34 -17.61 -20.66
N ALA A 417 14.91 -18.09 -21.84
CA ALA A 417 14.41 -17.19 -22.88
C ALA A 417 13.03 -16.64 -22.55
N PHE A 418 12.33 -17.23 -21.59
CA PHE A 418 10.95 -16.85 -21.34
C PHE A 418 10.86 -15.92 -20.15
N CYS A 419 9.99 -14.90 -20.26
CA CYS A 419 9.86 -13.90 -19.21
C CYS A 419 8.40 -13.54 -19.03
N SER A 420 8.16 -12.74 -17.98
CA SER A 420 6.79 -12.46 -17.55
C SER A 420 5.97 -11.78 -18.63
N TYR A 421 6.59 -10.92 -19.44
CA TYR A 421 5.89 -10.18 -20.49
C TYR A 421 5.41 -11.07 -21.63
N HIS A 422 5.89 -12.31 -21.70
CA HIS A 422 5.32 -13.26 -22.65
C HIS A 422 3.90 -13.64 -22.23
N VAL A 423 3.72 -13.93 -20.95
CA VAL A 423 2.38 -14.20 -20.42
C VAL A 423 1.46 -12.99 -20.58
N LYS A 424 1.91 -11.80 -20.18
CA LYS A 424 1.08 -10.61 -20.31
C LYS A 424 0.52 -10.48 -21.72
N THR A 425 1.41 -10.48 -22.71
CA THR A 425 1.00 -10.47 -24.10
C THR A 425 0.01 -11.59 -24.39
N ALA A 426 0.28 -12.79 -23.89
CA ALA A 426 -0.63 -13.90 -24.16
C ALA A 426 -2.00 -13.66 -23.55
N ILE A 427 -2.06 -13.05 -22.37
CA ILE A 427 -3.37 -12.79 -21.78
C ILE A 427 -4.04 -11.57 -22.41
N PHE A 428 -3.30 -10.72 -23.09
CA PHE A 428 -3.94 -9.60 -23.79
C PHE A 428 -4.68 -10.09 -25.03
N HIS A 429 -4.02 -10.94 -25.83
CA HIS A 429 -4.75 -11.65 -26.88
C HIS A 429 -5.88 -12.48 -26.29
N MET A 430 -5.60 -13.22 -25.23
CA MET A 430 -6.61 -14.05 -24.59
C MET A 430 -7.85 -13.24 -24.24
N TRP A 431 -7.68 -12.01 -23.76
CA TRP A 431 -8.83 -11.16 -23.45
C TRP A 431 -9.42 -10.52 -24.69
N THR A 432 -8.64 -10.29 -25.75
CA THR A 432 -9.28 -9.81 -26.98
C THR A 432 -10.16 -10.89 -27.59
N GLN A 433 -9.74 -12.15 -27.53
CA GLN A 433 -10.45 -13.25 -28.16
C GLN A 433 -11.75 -13.61 -27.44
N ASP A 434 -11.73 -13.55 -26.09
CA ASP A 434 -12.89 -13.78 -25.22
C ASP A 434 -13.22 -12.47 -24.51
N PRO A 435 -13.88 -11.52 -25.19
CA PRO A 435 -14.15 -10.23 -24.54
C PRO A 435 -15.32 -10.25 -23.57
N GLN A 436 -16.20 -11.22 -23.61
CA GLN A 436 -17.34 -11.15 -22.69
C GLN A 436 -16.88 -11.41 -21.25
N ASP A 437 -17.45 -10.64 -20.31
CA ASP A 437 -17.09 -10.76 -18.90
C ASP A 437 -17.60 -12.07 -18.27
N SER A 438 -18.67 -12.64 -18.81
CA SER A 438 -19.19 -13.91 -18.33
C SER A 438 -18.35 -15.09 -18.79
N GLN A 439 -17.49 -14.89 -19.80
CA GLN A 439 -16.50 -15.92 -20.09
C GLN A 439 -15.54 -16.11 -18.91
N TRP A 440 -15.20 -15.02 -18.22
CA TRP A 440 -14.25 -15.07 -17.09
C TRP A 440 -14.93 -15.01 -15.73
N ASP A 441 -15.91 -15.88 -15.47
CA ASP A 441 -16.59 -15.87 -14.17
C ASP A 441 -15.68 -16.51 -13.12
N PRO A 442 -15.70 -16.01 -11.85
CA PRO A 442 -14.75 -16.53 -10.85
C PRO A 442 -15.02 -17.97 -10.49
N ARG A 443 -16.14 -18.50 -10.97
CA ARG A 443 -16.53 -19.89 -10.83
C ARG A 443 -15.94 -20.78 -11.92
N ASN A 444 -15.60 -20.21 -13.07
CA ASN A 444 -14.95 -20.94 -14.15
C ASN A 444 -13.44 -20.92 -14.03
N LEU A 445 -12.92 -20.41 -12.90
CA LEU A 445 -11.48 -20.13 -12.75
C LEU A 445 -10.59 -21.21 -13.36
N SER A 446 -10.81 -22.48 -13.00
CA SER A 446 -10.00 -23.56 -13.55
C SER A 446 -10.15 -23.65 -15.07
N SER A 447 -11.37 -23.49 -15.60
CA SER A 447 -11.54 -23.56 -17.04
C SER A 447 -10.93 -22.35 -17.71
N CYS A 448 -11.00 -21.18 -17.06
CA CYS A 448 -10.34 -20.01 -17.62
C CYS A 448 -8.84 -20.19 -17.60
N PHE A 449 -8.31 -20.66 -16.47
CA PHE A 449 -6.87 -20.90 -16.36
C PHE A 449 -6.40 -21.95 -17.35
N ASP A 450 -7.14 -23.06 -17.47
CA ASP A 450 -6.78 -24.06 -18.46
C ASP A 450 -6.94 -23.53 -19.88
N LYS A 451 -7.98 -22.73 -20.15
CA LYS A 451 -8.15 -22.15 -21.47
C LYS A 451 -6.93 -21.30 -21.88
N LEU A 452 -6.46 -20.47 -20.96
CA LEU A 452 -5.25 -19.69 -21.19
C LEU A 452 -4.02 -20.59 -21.36
N LEU A 453 -3.85 -21.58 -20.48
CA LEU A 453 -2.77 -22.56 -20.62
C LEU A 453 -2.74 -23.15 -22.02
N ALA A 454 -3.90 -23.48 -22.58
CA ALA A 454 -3.97 -24.06 -23.90
C ALA A 454 -3.60 -23.05 -24.97
N PHE A 455 -4.04 -21.80 -24.79
CA PHE A 455 -3.68 -20.72 -25.71
C PHE A 455 -2.16 -20.52 -25.75
N PHE A 456 -1.55 -20.29 -24.59
CA PHE A 456 -0.10 -20.11 -24.50
C PHE A 456 0.64 -21.24 -25.17
N LEU A 457 0.12 -22.46 -25.09
CA LEU A 457 0.78 -23.58 -25.75
C LEU A 457 0.66 -23.48 -27.25
N GLU A 458 -0.52 -23.08 -27.74
CA GLU A 458 -0.65 -22.86 -29.16
C GLU A 458 0.24 -21.73 -29.63
N CYS A 459 0.56 -20.79 -28.75
CA CYS A 459 1.55 -19.77 -29.08
C CYS A 459 2.96 -20.35 -29.20
N LEU A 460 3.43 -20.99 -28.13
CA LEU A 460 4.76 -21.61 -28.15
C LEU A 460 4.96 -22.44 -29.40
N ARG A 461 4.01 -23.34 -29.70
CA ARG A 461 4.25 -24.42 -30.64
C ARG A 461 4.16 -23.98 -32.10
N THR A 462 3.33 -23.00 -32.39
CA THR A 462 3.27 -22.38 -33.70
C THR A 462 4.23 -21.23 -33.84
N GLU A 463 4.99 -20.92 -32.80
CA GLU A 463 5.96 -19.83 -32.80
C GLU A 463 5.32 -18.53 -33.29
N LYS A 464 4.19 -18.19 -32.69
CA LYS A 464 3.58 -16.89 -32.94
C LYS A 464 3.07 -16.33 -31.62
N LEU A 465 3.52 -15.13 -31.30
CA LEU A 465 3.01 -14.36 -30.17
C LEU A 465 3.35 -12.91 -30.53
N ASP A 466 2.41 -12.25 -31.18
CA ASP A 466 2.69 -10.90 -31.68
C ASP A 466 2.74 -9.90 -30.54
N HIS A 467 3.66 -8.94 -30.64
CA HIS A 467 3.65 -7.84 -29.66
C HIS A 467 2.31 -7.12 -29.73
N TYR A 468 1.70 -6.91 -28.57
CA TYR A 468 0.32 -6.44 -28.56
C TYR A 468 0.16 -5.04 -29.18
N PHE A 469 1.20 -4.22 -29.19
CA PHE A 469 1.13 -2.88 -29.76
C PHE A 469 1.91 -2.76 -31.06
N ILE A 470 2.65 -3.78 -31.43
CA ILE A 470 3.39 -3.81 -32.68
C ILE A 470 3.10 -5.18 -33.28
N PRO A 471 2.07 -5.32 -34.11
CA PRO A 471 1.74 -6.68 -34.62
C PRO A 471 2.92 -7.35 -35.38
N LYS A 472 3.81 -6.57 -36.01
CA LYS A 472 4.85 -7.17 -36.84
C LYS A 472 6.02 -7.74 -36.05
N PHE A 473 6.10 -7.49 -34.74
CA PHE A 473 7.23 -7.94 -33.93
C PHE A 473 6.80 -9.22 -33.20
N ASN A 474 7.32 -10.36 -33.64
CA ASN A 474 6.91 -11.69 -33.14
C ASN A 474 7.81 -12.13 -32.00
N LEU A 475 7.29 -12.07 -30.77
CA LEU A 475 8.10 -12.34 -29.61
C LEU A 475 8.54 -13.80 -29.55
N PHE A 476 7.72 -14.72 -30.05
CA PHE A 476 8.04 -16.14 -30.12
C PHE A 476 8.58 -16.55 -31.50
N SER A 477 9.18 -15.61 -32.23
CA SER A 477 9.68 -15.93 -33.56
C SER A 477 10.81 -16.95 -33.47
N GLN A 478 11.13 -17.52 -34.64
CA GLN A 478 12.20 -18.50 -34.79
C GLN A 478 13.57 -17.91 -34.49
N GLU A 479 13.79 -16.66 -34.82
CA GLU A 479 15.06 -16.03 -34.59
C GLU A 479 15.23 -15.52 -33.17
N LEU A 480 14.19 -15.62 -32.36
CA LEU A 480 14.22 -15.06 -31.01
C LEU A 480 14.27 -16.12 -29.92
N ILE A 481 13.39 -17.12 -30.00
CA ILE A 481 13.42 -18.27 -29.12
C ILE A 481 13.55 -19.48 -30.01
N ASP A 482 14.54 -20.33 -29.74
CA ASP A 482 14.78 -21.48 -30.60
C ASP A 482 13.78 -22.59 -30.33
N ARG A 483 13.76 -23.58 -31.24
CA ARG A 483 12.76 -24.65 -31.17
C ARG A 483 12.97 -25.56 -29.95
N LYS A 484 14.24 -25.84 -29.60
CA LYS A 484 14.60 -26.56 -28.39
C LYS A 484 13.83 -26.06 -27.16
N SER A 485 13.82 -24.74 -26.96
CA SER A 485 13.31 -24.15 -25.72
C SER A 485 11.79 -24.21 -25.66
N LYS A 486 11.12 -23.72 -26.70
CA LYS A 486 9.66 -23.81 -26.78
C LYS A 486 9.20 -25.22 -26.49
N GLU A 487 9.80 -26.20 -27.18
CA GLU A 487 9.47 -27.59 -26.97
C GLU A 487 9.69 -28.00 -25.52
N PHE A 488 10.85 -27.68 -24.95
CA PHE A 488 11.05 -27.93 -23.53
C PHE A 488 9.89 -27.34 -22.72
N LEU A 489 9.60 -26.06 -22.95
CA LEU A 489 8.59 -25.37 -22.17
C LEU A 489 7.22 -25.99 -22.36
N SER A 490 6.83 -26.24 -23.62
CA SER A 490 5.57 -26.94 -23.86
C SER A 490 5.49 -28.26 -23.10
N LYS A 491 6.65 -28.87 -22.79
CA LYS A 491 6.65 -30.14 -22.08
C LYS A 491 6.32 -29.96 -20.60
N LYS A 492 7.15 -29.20 -19.86
CA LYS A 492 6.98 -29.10 -18.41
C LYS A 492 5.66 -28.41 -18.03
N ILE A 493 5.08 -27.61 -18.94
CA ILE A 493 3.76 -27.02 -18.72
C ILE A 493 2.69 -28.10 -18.79
N GLU A 494 2.63 -28.79 -19.92
CA GLU A 494 1.67 -29.84 -20.14
C GLU A 494 1.67 -30.89 -19.08
N TYR A 495 2.88 -31.28 -18.68
CA TYR A 495 3.06 -32.26 -17.63
C TYR A 495 2.78 -31.55 -16.32
N GLU A 496 2.63 -30.23 -16.39
CA GLU A 496 2.35 -29.46 -15.20
C GLU A 496 0.87 -29.07 -15.28
N ARG A 497 0.16 -29.63 -16.24
CA ARG A 497 -1.25 -29.29 -16.41
C ARG A 497 -2.13 -30.53 -16.35
N ASN A 498 -1.50 -31.68 -16.50
CA ASN A 498 -2.23 -32.94 -16.45
C ASN A 498 -2.11 -33.65 -15.12
N ASN A 499 -1.00 -33.53 -14.43
CA ASN A 499 -0.86 -34.13 -13.14
C ASN A 499 -1.26 -33.16 -12.09
N GLY A 500 -2.21 -32.32 -12.41
CA GLY A 500 -2.64 -31.32 -11.47
C GLY A 500 -1.54 -30.31 -11.45
N PHE A 501 -1.22 -29.77 -10.29
CA PHE A 501 -0.17 -28.79 -10.28
C PHE A 501 0.89 -29.03 -9.24
N PRO A 502 1.74 -30.06 -9.47
CA PRO A 502 2.82 -30.44 -8.57
C PRO A 502 3.71 -29.26 -8.19
N ILE A 503 4.02 -28.40 -9.15
CA ILE A 503 4.86 -27.24 -8.89
C ILE A 503 4.17 -26.28 -7.92
N PHE A 504 2.86 -26.47 -7.74
CA PHE A 504 2.08 -25.63 -6.84
C PHE A 504 1.79 -26.38 -5.55
N ASP A 505 2.75 -27.20 -5.14
CA ASP A 505 2.62 -28.00 -3.92
C ASP A 505 3.53 -27.50 -2.81
N LYS A 506 3.32 -26.26 -2.39
CA LYS A 506 4.10 -25.68 -1.31
C LYS A 506 3.01 -24.98 -0.51
N LEU A 507 1.97 -25.74 -0.17
CA LEU A 507 0.82 -25.21 0.55
C LEU A 507 0.29 -23.92 -0.06
N PRO B 147 -26.38 -17.95 8.23
CA PRO B 147 -25.88 -18.04 6.85
C PRO B 147 -24.46 -17.51 6.72
N ASP B 148 -23.94 -17.50 5.50
CA ASP B 148 -22.58 -17.02 5.26
C ASP B 148 -22.60 -15.63 4.63
N LYS B 149 -23.69 -14.90 4.84
CA LYS B 149 -23.83 -13.56 4.28
C LYS B 149 -22.65 -12.68 4.71
N LEU B 150 -22.15 -12.92 5.91
CA LEU B 150 -21.02 -12.16 6.45
C LEU B 150 -19.77 -12.34 5.59
N LYS B 151 -19.50 -13.58 5.18
CA LYS B 151 -18.34 -13.83 4.34
C LYS B 151 -18.41 -13.02 3.06
N LYS B 152 -19.63 -12.80 2.53
CA LYS B 152 -19.78 -11.94 1.36
C LYS B 152 -19.74 -10.47 1.71
N VAL B 153 -20.06 -10.08 2.95
CA VAL B 153 -19.91 -8.69 3.35
C VAL B 153 -18.44 -8.33 3.45
N LEU B 154 -17.64 -9.21 4.07
CA LEU B 154 -16.20 -8.99 4.10
C LEU B 154 -15.65 -8.71 2.71
N ASP B 155 -16.01 -9.53 1.73
CA ASP B 155 -15.41 -9.40 0.42
C ASP B 155 -15.88 -8.15 -0.31
N LYS B 156 -17.01 -7.61 0.03
CA LYS B 156 -17.39 -6.39 -0.61
C LYS B 156 -16.61 -5.27 0.04
N LEU B 157 -16.11 -5.51 1.25
CA LEU B 157 -15.35 -4.50 1.97
C LEU B 157 -13.89 -4.64 1.57
N ARG B 158 -13.44 -5.89 1.54
CA ARG B 158 -12.09 -6.21 1.15
C ARG B 158 -11.71 -5.71 -0.20
N LEU B 159 -12.70 -5.36 -1.01
CA LEU B 159 -12.46 -4.85 -2.35
C LEU B 159 -12.11 -3.37 -2.35
N LYS B 160 -10.97 -3.04 -1.75
CA LYS B 160 -10.52 -1.67 -1.67
C LYS B 160 -9.45 -1.39 -2.72
N ARG B 161 -9.53 -2.08 -3.84
CA ARG B 161 -8.57 -1.92 -4.93
C ARG B 161 -8.47 -0.46 -5.34
N LYS B 162 -7.24 0.03 -5.46
CA LYS B 162 -6.97 1.42 -5.83
C LYS B 162 -7.57 2.51 -4.93
N ASP B 163 -7.85 2.14 -3.69
CA ASP B 163 -8.44 3.07 -2.73
C ASP B 163 -7.76 3.08 -1.35
N ILE B 164 -6.99 2.03 -1.08
CA ILE B 164 -6.29 1.92 0.20
C ILE B 164 -4.78 1.81 -0.02
N SER B 165 -4.40 1.25 -1.17
CA SER B 165 -2.98 1.10 -1.51
C SER B 165 -2.48 2.27 -2.33
N GLU B 166 -3.32 2.81 -3.22
CA GLU B 166 -2.98 4.03 -3.93
C GLU B 166 -3.21 5.27 -3.07
N ALA B 167 -4.07 5.19 -2.06
CA ALA B 167 -4.16 6.25 -1.07
C ALA B 167 -2.99 6.25 -0.11
N ALA B 168 -2.34 5.10 0.07
CA ALA B 168 -1.16 5.06 0.93
C ALA B 168 -0.04 5.90 0.34
N GLU B 169 0.37 5.58 -0.89
CA GLU B 169 1.50 6.24 -1.53
C GLU B 169 1.48 7.75 -1.36
N THR B 170 0.32 8.37 -1.55
CA THR B 170 0.22 9.81 -1.37
C THR B 170 0.33 10.19 0.10
N VAL B 171 -0.37 9.48 0.97
CA VAL B 171 -0.36 9.81 2.38
C VAL B 171 0.99 9.48 3.00
N ASN B 172 1.63 8.39 2.56
CA ASN B 172 3.05 8.18 2.82
C ASN B 172 3.86 9.44 2.50
N LYS B 173 3.61 10.06 1.34
CA LYS B 173 4.39 11.20 0.88
C LYS B 173 4.13 12.44 1.74
N VAL B 174 2.86 12.85 1.81
CA VAL B 174 2.49 14.03 2.60
C VAL B 174 3.04 13.92 4.02
N VAL B 175 2.88 12.77 4.67
CA VAL B 175 3.42 12.68 6.01
C VAL B 175 4.95 12.60 5.98
N GLU B 176 5.54 11.89 5.00
CA GLU B 176 7.00 11.84 4.93
C GLU B 176 7.60 13.17 4.50
N ARG B 177 6.86 13.99 3.75
CA ARG B 177 7.40 15.29 3.40
C ARG B 177 7.18 16.28 4.53
N LEU B 178 5.98 16.28 5.10
CA LEU B 178 5.69 17.18 6.20
C LEU B 178 6.61 16.91 7.38
N LEU B 179 6.86 15.63 7.65
CA LEU B 179 7.83 15.28 8.69
C LEU B 179 9.18 15.95 8.41
N ARG B 180 9.78 15.68 7.24
CA ARG B 180 11.15 16.15 6.98
C ARG B 180 11.24 17.67 6.94
N ARG B 181 10.15 18.36 6.57
CA ARG B 181 10.12 19.82 6.63
C ARG B 181 9.83 20.33 8.02
N MET B 182 9.23 19.51 8.89
CA MET B 182 9.07 19.87 10.30
C MET B 182 10.38 19.69 11.05
N GLN B 183 11.18 18.71 10.65
CA GLN B 183 12.52 18.53 11.17
C GLN B 183 13.45 19.54 10.53
N LYS B 184 14.53 19.85 11.24
CA LYS B 184 15.55 20.78 10.76
C LYS B 184 14.87 22.01 10.14
N ARG B 185 14.13 22.72 10.97
CA ARG B 185 13.40 23.91 10.53
C ARG B 185 13.18 24.94 11.64
N GLU B 186 14.09 24.97 12.61
CA GLU B 186 14.04 25.90 13.74
C GLU B 186 12.83 25.99 14.69
N SER B 187 12.46 24.85 15.27
CA SER B 187 11.33 24.80 16.19
C SER B 187 11.57 23.83 17.35
N GLU B 188 10.71 23.86 18.37
CA GLU B 188 10.88 22.96 19.49
C GLU B 188 10.67 21.50 19.09
N PHE B 189 10.09 21.26 17.92
CA PHE B 189 9.74 19.91 17.48
C PHE B 189 10.79 19.27 16.57
N LYS B 190 12.00 19.83 16.50
CA LYS B 190 13.05 19.27 15.65
C LYS B 190 13.32 17.79 15.92
N GLY B 191 13.01 17.30 17.11
CA GLY B 191 13.19 15.91 17.40
C GLY B 191 11.92 15.13 17.24
N VAL B 192 11.10 15.51 16.26
CA VAL B 192 9.82 14.85 16.01
C VAL B 192 10.06 13.70 15.04
N GLU B 193 9.41 12.57 15.29
CA GLU B 193 9.67 11.35 14.55
C GLU B 193 8.38 10.56 14.47
N GLN B 194 8.14 9.92 13.33
CA GLN B 194 6.92 9.13 13.15
C GLN B 194 6.96 7.83 13.96
N LEU B 195 5.87 7.52 14.64
CA LEU B 195 5.81 6.28 15.40
C LEU B 195 5.63 5.13 14.42
N ASN B 196 6.09 3.93 14.71
CA ASN B 196 5.78 2.85 13.76
C ASN B 196 4.39 2.48 14.15
N THR B 197 3.50 3.47 14.09
CA THR B 197 2.10 3.30 14.49
C THR B 197 1.12 2.55 13.59
N GLY B 198 1.58 1.50 12.91
CA GLY B 198 0.68 0.72 12.09
C GLY B 198 0.69 1.16 10.66
N SER B 199 1.49 0.48 9.84
CA SER B 199 1.60 0.85 8.43
C SER B 199 0.26 1.04 7.70
N TYR B 200 0.25 2.01 6.78
CA TYR B 200 -0.92 2.37 5.96
C TYR B 200 -1.74 1.18 5.44
N TYR B 201 -1.02 0.18 4.95
CA TYR B 201 -1.65 -1.01 4.42
C TYR B 201 -1.67 -2.14 5.45
N GLU B 202 -1.22 -1.89 6.68
CA GLU B 202 -1.26 -2.97 7.62
C GLU B 202 -2.31 -2.47 8.56
N HIS B 203 -2.08 -1.28 9.10
CA HIS B 203 -3.09 -0.71 9.99
C HIS B 203 -3.97 0.28 9.21
N VAL B 204 -5.00 0.81 9.88
CA VAL B 204 -5.95 1.78 9.31
C VAL B 204 -6.37 1.44 7.88
N LYS B 205 -6.70 0.16 7.65
CA LYS B 205 -7.14 -0.33 6.36
C LYS B 205 -8.47 -1.08 6.48
N ILE B 206 -8.53 -2.00 7.44
CA ILE B 206 -9.74 -2.76 7.71
C ILE B 206 -10.58 -2.14 8.82
N SER B 207 -10.07 -1.04 9.37
CA SER B 207 -10.75 -0.29 10.42
C SER B 207 -10.72 1.19 10.08
N ALA B 208 -11.91 1.76 9.86
CA ALA B 208 -12.09 3.18 9.52
C ALA B 208 -11.30 3.63 8.28
N PRO B 209 -11.81 3.28 7.09
CA PRO B 209 -11.20 3.61 5.80
C PRO B 209 -11.31 5.08 5.41
N ASN B 210 -12.43 5.72 5.73
CA ASN B 210 -12.64 7.12 5.41
C ASN B 210 -11.48 8.03 5.81
N GLU B 211 -10.63 7.59 6.74
CA GLU B 211 -9.57 8.45 7.25
C GLU B 211 -8.33 7.65 7.65
N PHE B 212 -7.29 8.39 8.00
CA PHE B 212 -6.02 7.86 8.49
C PHE B 212 -5.68 8.52 9.81
N ASP B 213 -4.65 8.00 10.45
CA ASP B 213 -4.08 8.68 11.60
C ASP B 213 -2.61 8.32 11.70
N VAL B 214 -1.80 9.32 12.02
CA VAL B 214 -0.41 9.08 12.36
C VAL B 214 -0.11 9.84 13.63
N MET B 215 0.89 9.36 14.37
CA MET B 215 1.36 10.01 15.58
C MET B 215 2.76 10.52 15.33
N PHE B 216 3.01 11.76 15.72
CA PHE B 216 4.31 12.39 15.64
C PHE B 216 4.85 12.40 17.06
N LYS B 217 5.78 11.51 17.35
CA LYS B 217 6.30 11.44 18.69
C LYS B 217 7.46 12.39 18.86
N LEU B 218 7.71 12.74 20.11
CA LEU B 218 8.77 13.65 20.51
C LEU B 218 9.20 13.23 21.89
N GLU B 219 10.45 12.98 22.11
CA GLU B 219 10.89 12.55 23.41
C GLU B 219 11.16 13.67 24.30
N VAL B 220 11.08 13.37 25.56
CA VAL B 220 11.27 14.31 26.59
C VAL B 220 12.14 13.69 27.64
N PRO B 221 12.77 14.52 28.48
CA PRO B 221 13.62 13.99 29.55
C PRO B 221 12.85 13.72 30.84
N ARG B 222 13.61 13.54 31.92
CA ARG B 222 13.09 13.29 33.28
C ARG B 222 11.83 14.19 33.37
N ILE B 223 10.75 13.52 33.73
CA ILE B 223 9.37 13.95 33.82
C ILE B 223 8.66 13.39 35.05
N GLU B 224 7.70 14.15 35.56
CA GLU B 224 6.92 13.77 36.72
C GLU B 224 5.46 13.74 36.30
N LEU B 225 4.82 12.61 36.49
CA LEU B 225 3.40 12.47 36.17
C LEU B 225 2.58 12.63 37.44
N GLN B 226 1.71 13.63 37.45
CA GLN B 226 0.73 13.82 38.51
C GLN B 226 -0.61 13.33 37.99
N GLU B 227 -1.16 12.31 38.65
CA GLU B 227 -2.44 11.74 38.24
C GLU B 227 -3.58 12.74 38.40
N TYR B 228 -4.26 13.04 37.30
CA TYR B 228 -5.37 13.97 37.32
C TYR B 228 -6.59 13.34 37.98
N TYR B 229 -6.84 13.71 39.24
CA TYR B 229 -7.97 13.18 40.01
C TYR B 229 -8.03 11.66 39.96
N GLU B 230 -9.20 11.13 39.62
CA GLU B 230 -9.40 9.69 39.55
C GLU B 230 -9.64 9.23 38.11
N THR B 231 -8.83 9.71 37.19
CA THR B 231 -9.04 9.34 35.80
C THR B 231 -8.40 8.00 35.50
N GLY B 232 -7.15 7.97 35.85
CA GLY B 232 -6.31 6.87 35.55
C GLY B 232 -5.66 7.14 34.23
N ALA B 233 -6.29 7.95 33.41
CA ALA B 233 -5.80 8.22 32.11
C ALA B 233 -5.29 9.60 31.89
N PHE B 234 -5.86 10.57 32.59
CA PHE B 234 -5.47 11.98 32.46
C PHE B 234 -4.41 12.32 33.49
N TYR B 235 -3.40 13.07 33.08
CA TYR B 235 -2.31 13.40 33.94
C TYR B 235 -1.82 14.79 33.67
N LEU B 236 -1.00 15.31 34.56
CA LEU B 236 -0.37 16.61 34.45
C LEU B 236 1.11 16.34 34.35
N VAL B 237 1.76 16.86 33.35
CA VAL B 237 3.17 16.56 33.08
C VAL B 237 4.05 17.72 33.57
N LYS B 238 4.92 17.44 34.52
CA LYS B 238 5.92 18.39 34.98
C LYS B 238 7.30 17.87 34.61
N PHE B 239 8.33 18.62 35.00
CA PHE B 239 9.70 18.24 34.69
C PHE B 239 10.40 17.72 35.94
N LYS B 240 11.73 17.75 35.93
CA LYS B 240 12.50 17.27 37.07
C LYS B 240 13.62 18.23 37.39
N ARG B 241 14.13 18.93 36.37
CA ARG B 241 15.19 19.93 36.51
C ARG B 241 14.96 21.18 35.67
N ILE B 242 14.52 21.03 34.43
CA ILE B 242 14.31 22.09 33.44
C ILE B 242 15.61 22.81 33.10
N PRO B 243 16.52 22.20 32.33
CA PRO B 243 17.64 22.95 31.76
C PRO B 243 17.16 23.81 30.59
N ARG B 244 17.98 24.80 30.25
CA ARG B 244 17.78 25.55 29.01
C ARG B 244 18.40 24.83 27.84
N GLY B 245 18.91 23.62 28.06
CA GLY B 245 19.26 22.70 27.01
C GLY B 245 18.06 21.81 26.69
N ASN B 246 16.86 22.32 26.98
CA ASN B 246 15.56 21.69 26.75
C ASN B 246 14.49 22.75 26.56
N PRO B 247 14.15 23.12 25.32
CA PRO B 247 13.25 24.24 25.08
C PRO B 247 11.76 23.90 25.14
N LEU B 248 11.41 22.65 25.42
CA LEU B 248 10.00 22.31 25.67
C LEU B 248 9.41 23.14 26.80
N SER B 249 10.25 23.86 27.49
CA SER B 249 9.78 24.66 28.57
C SER B 249 9.02 25.86 28.12
N HIS B 250 9.20 26.27 26.87
CA HIS B 250 8.50 27.42 26.36
C HIS B 250 7.00 27.13 26.42
N PHE B 251 6.65 25.88 26.72
CA PHE B 251 5.24 25.52 26.76
C PHE B 251 4.66 25.24 28.13
N LEU B 252 5.35 25.57 29.21
CA LEU B 252 4.78 25.34 30.54
C LEU B 252 4.02 26.58 31.03
N GLU B 253 2.80 26.35 31.51
CA GLU B 253 1.99 27.34 32.20
C GLU B 253 2.02 26.91 33.67
N GLY B 254 2.92 27.53 34.42
CA GLY B 254 3.13 27.13 35.77
C GLY B 254 4.33 26.21 35.79
N GLU B 255 4.32 25.24 36.69
CA GLU B 255 5.33 24.19 36.68
C GLU B 255 4.76 22.93 36.02
N VAL B 256 3.92 23.10 35.00
CA VAL B 256 3.31 22.01 34.24
C VAL B 256 3.47 22.29 32.75
N LEU B 257 3.91 21.29 31.98
CA LEU B 257 3.91 21.40 30.54
C LEU B 257 2.45 21.54 30.10
N SER B 258 2.13 22.67 29.46
CA SER B 258 0.77 22.91 28.98
C SER B 258 0.52 22.16 27.68
N ALA B 259 -0.58 21.41 27.64
CA ALA B 259 -0.94 20.70 26.42
C ALA B 259 -1.40 21.66 25.32
N THR B 260 -1.97 22.81 25.67
CA THR B 260 -2.54 23.74 24.70
C THR B 260 -1.50 24.65 24.09
N LYS B 261 -0.51 25.09 24.87
CA LYS B 261 0.52 25.95 24.29
C LYS B 261 1.38 25.16 23.34
N MET B 262 1.60 23.89 23.65
CA MET B 262 2.38 23.02 22.77
C MET B 262 1.60 22.72 21.49
N LEU B 263 0.35 22.27 21.64
CA LEU B 263 -0.44 21.86 20.48
C LEU B 263 -0.74 23.03 19.55
N SER B 264 -0.95 24.23 20.12
CA SER B 264 -1.25 25.38 19.26
C SER B 264 -0.03 25.78 18.44
N LYS B 265 1.15 25.73 19.04
CA LYS B 265 2.38 26.00 18.30
C LYS B 265 2.74 24.87 17.34
N PHE B 266 2.51 23.61 17.76
CA PHE B 266 2.56 22.46 16.85
C PHE B 266 1.60 22.66 15.68
N ARG B 267 0.33 22.90 15.98
CA ARG B 267 -0.64 23.12 14.90
C ARG B 267 -0.22 24.30 14.04
N LYS B 268 0.28 25.37 14.67
CA LYS B 268 0.76 26.52 13.93
C LYS B 268 1.77 26.10 12.87
N ILE B 269 2.88 25.51 13.32
CA ILE B 269 3.99 25.14 12.46
C ILE B 269 3.55 24.18 11.36
N ILE B 270 2.54 23.35 11.62
CA ILE B 270 2.03 22.46 10.57
C ILE B 270 1.21 23.26 9.56
N LYS B 271 0.20 23.99 10.04
CA LYS B 271 -0.63 24.82 9.16
C LYS B 271 0.23 25.74 8.32
N GLU B 272 1.35 26.22 8.89
CA GLU B 272 2.21 27.18 8.22
C GLU B 272 3.19 26.52 7.25
N GLU B 273 3.60 25.28 7.50
CA GLU B 273 4.48 24.58 6.57
C GLU B 273 3.72 23.73 5.56
N VAL B 274 2.50 23.36 5.89
CA VAL B 274 1.68 22.53 5.00
C VAL B 274 1.04 23.38 3.91
N LYS B 275 0.70 24.62 4.25
CA LYS B 275 0.09 25.54 3.30
C LYS B 275 1.12 26.52 2.74
N GLU B 276 2.37 26.08 2.66
CA GLU B 276 3.44 26.91 2.14
C GLU B 276 3.92 26.42 0.78
N ILE B 277 3.41 25.29 0.34
CA ILE B 277 3.80 24.72 -0.94
C ILE B 277 2.53 24.45 -1.74
N LYS B 278 2.61 24.65 -3.05
CA LYS B 278 1.50 24.32 -3.93
C LYS B 278 1.77 23.04 -4.73
N ASP B 279 2.30 22.01 -4.06
CA ASP B 279 2.64 20.77 -4.75
C ASP B 279 1.53 19.74 -4.70
N ILE B 280 0.73 19.70 -3.64
CA ILE B 280 -0.48 18.89 -3.62
C ILE B 280 -1.57 19.66 -2.89
N ASP B 281 -2.82 19.40 -3.26
CA ASP B 281 -3.98 20.06 -2.67
C ASP B 281 -4.25 19.42 -1.30
N VAL B 282 -3.69 20.06 -0.27
CA VAL B 282 -3.76 19.56 1.10
C VAL B 282 -3.99 20.73 2.06
N SER B 283 -5.15 20.71 2.74
CA SER B 283 -5.59 21.76 3.64
C SER B 283 -5.67 21.23 5.07
N VAL B 284 -5.92 22.16 6.00
CA VAL B 284 -5.97 21.87 7.43
C VAL B 284 -7.37 22.19 7.93
N GLU B 285 -8.13 21.15 8.28
CA GLU B 285 -9.46 21.31 8.86
C GLU B 285 -9.51 22.16 10.12
N LYS B 286 -10.70 22.68 10.43
CA LYS B 286 -10.88 23.51 11.62
C LYS B 286 -10.52 22.84 12.93
N GLU B 287 -9.89 23.60 13.83
CA GLU B 287 -9.49 23.06 15.12
C GLU B 287 -10.76 22.77 15.90
N LYS B 288 -11.17 21.51 15.91
CA LYS B 288 -12.38 21.10 16.61
C LYS B 288 -12.11 20.97 18.11
N PRO B 289 -12.82 21.77 18.92
CA PRO B 289 -12.66 21.76 20.39
C PRO B 289 -12.75 20.36 20.96
N GLY B 290 -11.65 19.89 21.56
CA GLY B 290 -11.62 18.57 22.17
C GLY B 290 -10.56 17.66 21.56
N SER B 291 -10.45 17.68 20.24
CA SER B 291 -9.48 16.86 19.55
C SER B 291 -8.05 17.32 19.79
N PRO B 292 -7.15 16.36 20.10
CA PRO B 292 -5.74 16.58 20.36
C PRO B 292 -4.95 16.70 19.06
N ALA B 293 -5.65 16.81 17.95
CA ALA B 293 -5.10 16.52 16.65
C ALA B 293 -5.01 17.75 15.76
N VAL B 294 -4.16 17.63 14.74
CA VAL B 294 -4.16 18.51 13.58
C VAL B 294 -4.59 17.64 12.41
N THR B 295 -5.84 17.78 12.00
CA THR B 295 -6.45 16.89 11.00
C THR B 295 -6.20 17.47 9.60
N LEU B 296 -5.41 16.76 8.80
CA LEU B 296 -5.12 17.18 7.43
C LEU B 296 -6.29 16.83 6.53
N LEU B 297 -6.86 17.83 5.88
CA LEU B 297 -7.91 17.63 4.88
C LEU B 297 -7.28 17.67 3.50
N ILE B 298 -7.42 16.57 2.75
CA ILE B 298 -7.00 16.47 1.35
C ILE B 298 -8.16 15.96 0.50
N ARG B 299 -8.34 16.58 -0.67
CA ARG B 299 -9.41 16.18 -1.58
C ARG B 299 -8.86 16.02 -2.99
N ASN B 300 -7.70 15.37 -3.13
CA ASN B 300 -7.14 15.24 -4.48
C ASN B 300 -7.98 14.31 -5.33
N PRO B 301 -8.15 13.01 -4.99
CA PRO B 301 -9.17 12.23 -5.71
C PRO B 301 -10.55 12.32 -5.08
N GLU B 302 -10.58 12.24 -3.74
CA GLU B 302 -11.79 12.33 -2.93
C GLU B 302 -11.34 12.85 -1.57
N GLU B 303 -12.30 13.18 -0.72
CA GLU B 303 -11.96 13.78 0.57
C GLU B 303 -11.35 12.74 1.51
N ILE B 304 -10.07 12.92 1.84
CA ILE B 304 -9.37 12.07 2.81
C ILE B 304 -8.96 12.93 3.99
N SER B 305 -8.80 12.29 5.15
CA SER B 305 -8.45 12.97 6.40
C SER B 305 -7.26 12.26 7.03
N VAL B 306 -6.20 13.01 7.30
CA VAL B 306 -5.01 12.50 7.97
C VAL B 306 -4.88 13.27 9.27
N ASP B 307 -4.92 12.55 10.39
CA ASP B 307 -4.81 13.19 11.69
C ASP B 307 -3.37 13.09 12.18
N ILE B 308 -2.81 14.22 12.60
CA ILE B 308 -1.49 14.26 13.21
C ILE B 308 -1.67 14.47 14.69
N ILE B 309 -1.34 13.45 15.46
CA ILE B 309 -1.37 13.51 16.92
C ILE B 309 0.05 13.70 17.39
N LEU B 310 0.35 14.90 17.87
CA LEU B 310 1.55 15.10 18.66
C LEU B 310 1.50 14.19 19.88
N ALA B 311 2.62 13.57 20.19
CA ALA B 311 2.66 12.53 21.21
C ALA B 311 3.98 12.60 21.95
N LEU B 312 3.91 12.93 23.24
CA LEU B 312 5.12 12.90 24.05
C LEU B 312 5.53 11.46 24.27
N GLU B 313 6.81 11.19 24.07
CA GLU B 313 7.33 9.86 24.35
C GLU B 313 8.05 9.86 25.70
N SER B 314 7.80 8.83 26.48
CA SER B 314 8.46 8.65 27.77
C SER B 314 9.04 7.25 27.84
N LYS B 315 10.31 7.14 28.14
CA LYS B 315 10.91 5.82 28.24
C LYS B 315 10.83 5.23 29.64
N GLY B 316 10.35 5.98 30.62
CA GLY B 316 10.24 5.49 31.98
C GLY B 316 9.22 4.39 32.17
N SER B 317 9.00 4.08 33.45
CA SER B 317 8.08 3.02 33.84
C SER B 317 6.64 3.46 33.65
N TRP B 318 5.81 2.53 33.16
CA TRP B 318 4.42 2.81 32.83
C TRP B 318 3.64 3.25 34.06
N PRO B 319 2.80 4.27 33.95
CA PRO B 319 2.15 4.82 35.15
C PRO B 319 1.38 3.72 35.87
N ILE B 320 1.23 3.92 37.18
CA ILE B 320 0.80 2.83 38.04
C ILE B 320 -0.68 2.50 37.83
N SER B 321 -1.42 3.36 37.13
CA SER B 321 -2.84 3.09 36.88
C SER B 321 -3.03 1.95 35.88
N THR B 322 -2.00 1.64 35.10
CA THR B 322 -1.97 0.52 34.14
C THR B 322 -1.34 -0.72 34.73
N LYS B 323 -1.20 -0.80 36.05
CA LYS B 323 -0.49 -1.92 36.65
C LYS B 323 -1.15 -3.23 36.27
N GLU B 324 -2.41 -3.39 36.65
CA GLU B 324 -3.12 -4.62 36.39
C GLU B 324 -3.95 -4.54 35.11
N GLY B 325 -3.55 -3.69 34.17
CA GLY B 325 -4.10 -3.67 32.84
C GLY B 325 -3.23 -4.51 31.94
N LEU B 326 -3.54 -4.49 30.63
CA LEU B 326 -2.91 -5.37 29.65
C LEU B 326 -2.92 -6.77 30.24
N PRO B 327 -4.06 -7.43 30.29
CA PRO B 327 -4.13 -8.76 30.90
C PRO B 327 -4.13 -9.88 29.86
N ILE B 328 -2.95 -10.14 29.29
CA ILE B 328 -2.79 -11.03 28.15
C ILE B 328 -2.07 -12.31 28.55
N GLN B 329 -1.90 -12.58 29.85
CA GLN B 329 -1.01 -13.64 30.28
C GLN B 329 -1.52 -15.03 29.90
N GLY B 330 -2.78 -15.18 29.67
CA GLY B 330 -3.27 -16.45 29.23
C GLY B 330 -3.62 -16.47 27.77
N TRP B 331 -3.11 -15.47 27.05
CA TRP B 331 -3.37 -15.36 25.61
C TRP B 331 -2.09 -15.04 24.84
N LEU B 332 -1.41 -13.97 25.24
CA LEU B 332 -0.18 -13.56 24.59
C LEU B 332 1.04 -14.04 25.36
N GLY B 333 0.82 -14.49 26.60
CA GLY B 333 1.90 -14.98 27.43
C GLY B 333 2.50 -13.88 28.29
N THR B 334 3.27 -14.28 29.30
CA THR B 334 3.91 -13.32 30.20
C THR B 334 5.20 -12.77 29.63
N LYS B 335 5.93 -13.58 28.86
CA LYS B 335 7.08 -13.03 28.13
C LYS B 335 6.64 -11.87 27.25
N VAL B 336 5.53 -12.03 26.51
CA VAL B 336 5.11 -11.02 25.55
C VAL B 336 4.64 -9.77 26.27
N ARG B 337 3.75 -9.92 27.25
CA ARG B 337 3.31 -8.80 28.08
C ARG B 337 4.50 -8.02 28.69
N THR B 338 5.59 -8.72 29.01
CA THR B 338 6.75 -8.09 29.65
C THR B 338 7.57 -7.24 28.70
N ASN B 339 7.86 -7.74 27.49
CA ASN B 339 8.46 -6.89 26.47
C ASN B 339 7.64 -5.63 26.31
N LEU B 340 6.39 -5.78 25.90
CA LEU B 340 5.48 -4.67 25.67
C LEU B 340 5.61 -3.58 26.72
N ARG B 341 5.69 -3.94 28.01
CA ARG B 341 5.74 -2.91 29.06
C ARG B 341 7.13 -2.33 29.24
N ARG B 342 8.17 -2.92 28.67
CA ARG B 342 9.47 -2.26 28.71
C ARG B 342 9.55 -1.15 27.69
N GLU B 343 8.63 -1.11 26.74
CA GLU B 343 8.60 -0.11 25.69
C GLU B 343 8.16 1.24 26.27
N PRO B 344 8.34 2.33 25.55
CA PRO B 344 7.88 3.63 26.07
C PRO B 344 6.36 3.72 26.07
N PHE B 345 5.84 4.75 26.73
CA PHE B 345 4.40 5.06 26.68
C PHE B 345 4.21 6.49 26.19
N TYR B 346 3.01 6.85 25.78
CA TYR B 346 2.84 8.12 25.11
C TYR B 346 1.73 8.94 25.74
N LEU B 347 1.87 10.25 25.62
CA LEU B 347 0.93 11.21 26.17
C LEU B 347 0.48 12.11 25.05
N VAL B 348 -0.82 12.10 24.78
CA VAL B 348 -1.39 12.93 23.73
C VAL B 348 -2.08 14.14 24.36
N PRO B 349 -2.00 15.28 23.72
CA PRO B 349 -2.67 16.48 24.23
C PRO B 349 -4.19 16.42 24.14
N LYS B 350 -4.80 15.69 25.04
CA LYS B 350 -6.23 15.62 25.10
C LYS B 350 -6.73 16.31 26.30
N ASN B 351 -7.33 17.45 26.15
CA ASN B 351 -7.80 18.18 27.27
C ASN B 351 -8.89 17.39 28.02
N ALA B 352 -8.75 17.16 29.32
CA ALA B 352 -9.76 16.48 30.13
C ALA B 352 -10.94 17.42 30.36
N LYS B 353 -12.05 17.07 29.74
CA LYS B 353 -13.26 17.87 29.77
C LYS B 353 -13.94 17.89 31.08
N ASP B 354 -13.36 17.25 32.08
CA ASP B 354 -13.96 17.20 33.41
C ASP B 354 -12.99 17.70 34.48
N GLY B 355 -13.42 17.60 35.74
CA GLY B 355 -12.60 18.05 36.86
C GLY B 355 -12.82 19.52 37.15
N ASN B 356 -11.73 20.27 37.27
CA ASN B 356 -11.82 21.69 37.55
C ASN B 356 -12.67 22.38 36.49
N SER B 357 -12.28 22.18 35.23
CA SER B 357 -13.01 22.78 34.10
C SER B 357 -12.34 22.01 32.96
N PHE B 358 -12.53 22.44 31.73
CA PHE B 358 -11.86 21.80 30.60
C PHE B 358 -10.40 22.20 30.82
N GLN B 359 -9.60 21.23 31.25
CA GLN B 359 -8.18 21.48 31.51
C GLN B 359 -7.51 21.04 30.21
N GLY B 360 -6.82 21.99 29.58
CA GLY B 360 -6.12 21.72 28.34
C GLY B 360 -4.68 21.31 28.59
N GLU B 361 -4.18 21.68 29.76
CA GLU B 361 -2.81 21.35 30.15
C GLU B 361 -2.70 19.87 30.50
N THR B 362 -3.83 19.19 30.49
CA THR B 362 -3.87 17.77 30.80
C THR B 362 -3.49 16.97 29.57
N TRP B 363 -2.82 15.85 29.79
CA TRP B 363 -2.46 14.96 28.71
C TRP B 363 -3.08 13.61 28.95
N ARG B 364 -3.35 12.87 27.87
CA ARG B 364 -3.89 11.53 27.99
C ARG B 364 -2.90 10.48 27.52
N LEU B 365 -2.84 9.38 28.27
CA LEU B 365 -2.09 8.21 27.86
C LEU B 365 -2.61 7.67 26.53
N SER B 366 -1.71 7.08 25.76
CA SER B 366 -2.08 6.55 24.46
C SER B 366 -1.23 5.31 24.23
N PHE B 367 -1.88 4.16 24.09
CA PHE B 367 -1.14 2.92 23.94
C PHE B 367 -1.22 2.40 22.51
N SER B 368 -1.02 3.32 21.55
CA SER B 368 -1.30 3.00 20.17
C SER B 368 -0.31 1.98 19.62
N HIS B 369 0.98 2.15 19.92
CA HIS B 369 1.97 1.19 19.45
C HIS B 369 1.63 -0.22 19.91
N THR B 370 1.18 -0.35 21.16
CA THR B 370 0.91 -1.64 21.78
C THR B 370 -0.29 -2.34 21.14
N GLU B 371 -1.33 -1.56 20.82
CA GLU B 371 -2.55 -2.14 20.28
C GLU B 371 -2.32 -2.72 18.89
N LYS B 372 -1.64 -1.97 18.01
CA LYS B 372 -1.27 -2.53 16.71
C LYS B 372 -0.46 -3.79 16.89
N TYR B 373 0.39 -3.85 17.93
CA TYR B 373 1.05 -5.10 18.23
C TYR B 373 0.00 -6.18 18.46
N ILE B 374 -0.94 -5.92 19.36
CA ILE B 374 -1.98 -6.90 19.64
C ILE B 374 -2.85 -7.14 18.41
N LEU B 375 -3.03 -6.11 17.58
CA LEU B 375 -3.85 -6.28 16.39
C LEU B 375 -3.16 -7.15 15.35
N ASN B 376 -1.83 -7.15 15.34
CA ASN B 376 -1.07 -7.93 14.37
C ASN B 376 -0.66 -9.32 14.88
N ASN B 377 -0.37 -9.45 16.19
CA ASN B 377 0.05 -10.69 16.83
C ASN B 377 -1.06 -11.24 17.72
N HIS B 378 -2.25 -11.38 17.17
CA HIS B 378 -3.49 -11.59 17.92
C HIS B 378 -3.74 -13.03 18.34
N GLY B 379 -2.88 -13.96 17.99
CA GLY B 379 -3.15 -15.36 18.20
C GLY B 379 -2.42 -15.91 19.40
N ILE B 380 -2.97 -17.00 19.95
CA ILE B 380 -2.19 -17.73 20.93
C ILE B 380 -1.08 -18.54 20.25
N GLU B 381 -1.22 -18.81 18.95
CA GLU B 381 -0.19 -19.48 18.17
C GLU B 381 0.56 -18.47 17.33
N LYS B 382 1.88 -18.44 17.49
CA LYS B 382 2.72 -17.44 16.83
C LYS B 382 2.44 -17.29 15.34
N THR B 383 2.07 -18.36 14.65
CA THR B 383 1.89 -18.33 13.19
C THR B 383 0.47 -17.98 12.76
N CYS B 384 -0.39 -17.50 13.66
CA CYS B 384 -1.80 -17.30 13.32
C CYS B 384 -1.94 -16.30 12.19
N CYS B 385 -2.70 -16.70 11.17
CA CYS B 385 -2.95 -15.87 9.99
C CYS B 385 -1.65 -15.41 9.32
N GLU B 386 -0.68 -16.33 9.29
CA GLU B 386 0.63 -16.12 8.67
C GLU B 386 0.72 -17.02 7.45
N SER B 387 1.81 -16.93 6.73
CA SER B 387 1.95 -17.73 5.54
C SER B 387 1.96 -19.21 5.77
N SER B 388 2.68 -19.65 6.78
CA SER B 388 2.83 -21.05 7.13
C SER B 388 2.10 -21.38 8.44
N GLY B 389 0.83 -20.98 8.51
CA GLY B 389 0.00 -21.23 9.68
C GLY B 389 -1.46 -21.02 9.33
N ALA B 390 -2.29 -21.09 10.37
CA ALA B 390 -3.74 -21.12 10.18
C ALA B 390 -4.40 -19.76 10.42
N LYS B 391 -5.51 -19.56 9.71
CA LYS B 391 -6.30 -18.34 9.70
C LYS B 391 -7.38 -18.38 10.78
N CYS B 392 -7.72 -17.19 11.26
CA CYS B 392 -8.75 -16.98 12.27
C CYS B 392 -9.67 -15.90 11.77
N CYS B 393 -10.72 -15.62 12.55
CA CYS B 393 -11.64 -14.56 12.16
C CYS B 393 -11.65 -13.41 13.15
N ARG B 394 -10.58 -13.24 13.94
CA ARG B 394 -10.51 -12.14 14.90
C ARG B 394 -10.61 -10.80 14.19
N LYS B 395 -9.72 -10.55 13.22
CA LYS B 395 -9.81 -9.28 12.48
C LYS B 395 -11.11 -9.20 11.70
N GLU B 396 -11.59 -10.34 11.21
CA GLU B 396 -12.91 -10.42 10.57
C GLU B 396 -14.00 -9.82 11.47
N CYS B 397 -14.16 -10.39 12.67
CA CYS B 397 -15.20 -9.91 13.56
C CYS B 397 -15.05 -8.41 13.82
N LEU B 398 -13.81 -7.99 14.11
CA LEU B 398 -13.56 -6.58 14.43
C LEU B 398 -13.92 -5.65 13.28
N LYS B 399 -13.56 -6.04 12.04
CA LYS B 399 -13.91 -5.18 10.91
C LYS B 399 -15.43 -5.11 10.71
N LEU B 400 -16.13 -6.22 10.92
CA LEU B 400 -17.59 -6.22 10.84
C LEU B 400 -18.20 -5.37 11.95
N MET B 401 -17.78 -5.59 13.20
CA MET B 401 -18.23 -4.72 14.28
C MET B 401 -17.91 -3.26 13.96
N LYS B 402 -16.70 -2.99 13.50
CA LYS B 402 -16.32 -1.64 13.09
C LYS B 402 -17.27 -1.14 12.01
N TYR B 403 -17.52 -1.97 11.00
CA TYR B 403 -18.38 -1.54 9.93
C TYR B 403 -19.81 -1.36 10.41
N LEU B 404 -20.35 -2.35 11.14
CA LEU B 404 -21.72 -2.24 11.66
C LEU B 404 -21.93 -0.94 12.42
N LEU B 405 -21.07 -0.67 13.41
CA LEU B 405 -21.17 0.58 14.15
C LEU B 405 -20.94 1.80 13.27
N GLU B 406 -20.09 1.67 12.24
CA GLU B 406 -19.82 2.81 11.35
C GLU B 406 -21.08 3.24 10.60
N GLN B 407 -21.83 2.26 10.08
CA GLN B 407 -23.01 2.54 9.25
C GLN B 407 -24.19 3.05 10.08
N LEU B 408 -24.38 2.54 11.30
CA LEU B 408 -25.39 3.11 12.18
C LEU B 408 -25.05 4.54 12.56
N LYS B 409 -23.79 4.82 12.92
CA LYS B 409 -23.43 6.18 13.29
C LYS B 409 -23.72 7.17 12.19
N LYS B 410 -23.72 6.69 10.94
CA LYS B 410 -23.92 7.55 9.78
C LYS B 410 -25.33 8.10 9.68
N GLU B 411 -26.32 7.38 10.22
CA GLU B 411 -27.70 7.80 10.12
C GLU B 411 -28.35 8.05 11.47
N PHE B 412 -27.59 7.94 12.56
CA PHE B 412 -28.12 8.24 13.89
C PHE B 412 -27.12 9.11 14.66
N GLN B 413 -27.27 10.43 14.54
CA GLN B 413 -26.49 11.33 15.39
C GLN B 413 -26.74 11.07 16.87
N GLU B 414 -27.79 10.33 17.23
CA GLU B 414 -27.95 9.90 18.62
C GLU B 414 -26.81 9.00 19.06
N LEU B 415 -26.07 8.42 18.09
CA LEU B 415 -24.93 7.54 18.32
C LEU B 415 -23.58 8.28 18.23
N ASP B 416 -23.58 9.60 18.38
CA ASP B 416 -22.31 10.31 18.31
C ASP B 416 -21.38 10.00 19.47
N ALA B 417 -21.89 9.45 20.56
CA ALA B 417 -21.02 9.23 21.71
C ALA B 417 -20.25 7.90 21.62
N PHE B 418 -20.43 7.11 20.58
CA PHE B 418 -19.69 5.87 20.43
C PHE B 418 -18.74 5.96 19.26
N CYS B 419 -17.49 5.52 19.47
CA CYS B 419 -16.43 5.57 18.49
C CYS B 419 -15.73 4.21 18.41
N SER B 420 -14.94 4.04 17.35
CA SER B 420 -14.27 2.79 17.06
C SER B 420 -13.43 2.26 18.22
N TYR B 421 -12.91 3.13 19.07
CA TYR B 421 -12.11 2.65 20.19
C TYR B 421 -12.97 1.85 21.16
N HIS B 422 -14.29 2.09 21.19
CA HIS B 422 -15.17 1.28 22.02
C HIS B 422 -15.21 -0.15 21.53
N VAL B 423 -15.27 -0.32 20.20
CA VAL B 423 -15.33 -1.66 19.62
C VAL B 423 -13.98 -2.36 19.77
N LYS B 424 -12.90 -1.63 19.49
CA LYS B 424 -11.55 -2.16 19.72
C LYS B 424 -11.38 -2.68 21.16
N THR B 425 -11.53 -1.81 22.18
CA THR B 425 -11.39 -2.29 23.56
C THR B 425 -12.39 -3.41 23.87
N ALA B 426 -13.56 -3.39 23.23
CA ALA B 426 -14.50 -4.49 23.39
C ALA B 426 -13.87 -5.80 22.96
N ILE B 427 -13.31 -5.83 21.76
CA ILE B 427 -12.77 -7.08 21.25
C ILE B 427 -11.50 -7.49 21.96
N PHE B 428 -10.78 -6.54 22.58
CA PHE B 428 -9.63 -6.92 23.41
C PHE B 428 -10.05 -7.78 24.58
N HIS B 429 -11.11 -7.38 25.27
CA HIS B 429 -11.68 -8.19 26.34
C HIS B 429 -12.22 -9.50 25.82
N MET B 430 -12.66 -9.54 24.57
CA MET B 430 -13.14 -10.78 23.99
C MET B 430 -12.00 -11.77 23.80
N TRP B 431 -10.88 -11.29 23.25
CA TRP B 431 -9.73 -12.16 23.01
C TRP B 431 -9.06 -12.53 24.33
N THR B 432 -9.20 -11.71 25.37
CA THR B 432 -8.68 -12.13 26.67
C THR B 432 -9.53 -13.24 27.28
N GLN B 433 -10.82 -13.24 26.96
CA GLN B 433 -11.76 -14.27 27.42
C GLN B 433 -11.57 -15.59 26.70
N ASP B 434 -11.35 -15.55 25.38
CA ASP B 434 -11.26 -16.73 24.53
C ASP B 434 -9.87 -16.73 23.88
N PRO B 435 -8.83 -17.14 24.60
CA PRO B 435 -7.47 -17.07 24.04
C PRO B 435 -7.24 -18.01 22.87
N GLN B 436 -7.79 -19.22 22.94
CA GLN B 436 -7.40 -20.26 22.02
C GLN B 436 -7.87 -19.94 20.61
N ASP B 437 -6.94 -19.97 19.66
CA ASP B 437 -7.29 -19.67 18.28
C ASP B 437 -8.34 -20.60 17.73
N SER B 438 -8.59 -21.74 18.41
CA SER B 438 -9.72 -22.59 18.06
C SER B 438 -11.05 -21.86 18.28
N GLN B 439 -11.13 -20.99 19.27
CA GLN B 439 -12.32 -20.20 19.53
C GLN B 439 -12.55 -19.11 18.50
N TRP B 440 -11.65 -18.95 17.53
CA TRP B 440 -11.79 -17.90 16.53
C TRP B 440 -11.63 -18.48 15.13
N ASP B 441 -12.34 -19.57 14.83
CA ASP B 441 -12.14 -20.32 13.59
C ASP B 441 -12.95 -19.68 12.45
N PRO B 442 -12.37 -19.55 11.24
CA PRO B 442 -13.07 -18.85 10.16
C PRO B 442 -14.35 -19.54 9.70
N ARG B 443 -14.53 -20.82 10.01
CA ARG B 443 -15.79 -21.51 9.81
C ARG B 443 -16.73 -21.35 10.99
N ASN B 444 -16.52 -20.35 11.87
CA ASN B 444 -17.53 -19.94 12.84
C ASN B 444 -17.66 -18.42 12.93
N LEU B 445 -17.30 -17.71 11.85
CA LEU B 445 -17.43 -16.26 11.81
C LEU B 445 -18.74 -15.82 12.42
N SER B 446 -19.86 -16.40 11.95
CA SER B 446 -21.20 -16.11 12.47
C SER B 446 -21.27 -16.19 13.99
N SER B 447 -20.82 -17.31 14.56
CA SER B 447 -20.92 -17.49 16.00
C SER B 447 -19.93 -16.59 16.72
N CYS B 448 -18.75 -16.38 16.13
CA CYS B 448 -17.77 -15.48 16.71
C CYS B 448 -18.30 -14.05 16.74
N PHE B 449 -18.80 -13.58 15.59
CA PHE B 449 -19.42 -12.27 15.53
C PHE B 449 -20.55 -12.17 16.54
N ASP B 450 -21.32 -13.24 16.72
CA ASP B 450 -22.44 -13.11 17.63
C ASP B 450 -21.98 -13.03 19.07
N LYS B 451 -20.95 -13.81 19.43
CA LYS B 451 -20.31 -13.67 20.75
C LYS B 451 -19.94 -12.22 21.02
N LEU B 452 -19.30 -11.54 20.04
CA LEU B 452 -18.93 -10.13 20.22
C LEU B 452 -20.18 -9.26 20.37
N LEU B 453 -21.19 -9.44 19.51
CA LEU B 453 -22.39 -8.62 19.65
C LEU B 453 -22.96 -8.69 21.06
N ALA B 454 -22.94 -9.89 21.67
CA ALA B 454 -23.53 -10.09 23.00
C ALA B 454 -22.67 -9.48 24.11
N PHE B 455 -21.35 -9.56 23.98
CA PHE B 455 -20.46 -8.92 24.93
C PHE B 455 -20.67 -7.42 24.91
N PHE B 456 -20.82 -6.85 23.71
CA PHE B 456 -20.97 -5.39 23.60
C PHE B 456 -22.31 -4.94 24.14
N LEU B 457 -23.36 -5.73 23.93
CA LEU B 457 -24.66 -5.44 24.50
C LEU B 457 -24.63 -5.54 26.02
N GLU B 458 -23.97 -6.56 26.56
CA GLU B 458 -23.83 -6.61 28.02
C GLU B 458 -22.97 -5.45 28.53
N CYS B 459 -22.04 -4.95 27.71
CA CYS B 459 -21.27 -3.78 28.11
C CYS B 459 -22.15 -2.53 28.14
N LEU B 460 -23.00 -2.38 27.13
CA LEU B 460 -23.88 -1.22 27.03
C LEU B 460 -25.02 -1.27 28.03
N ARG B 461 -25.21 -2.42 28.67
CA ARG B 461 -26.29 -2.58 29.65
C ARG B 461 -25.78 -2.42 31.08
N THR B 462 -24.61 -2.97 31.36
CA THR B 462 -24.03 -2.91 32.69
C THR B 462 -23.25 -1.61 32.92
N GLU B 463 -23.21 -0.81 31.86
CA GLU B 463 -22.49 0.43 31.81
C GLU B 463 -21.13 0.17 32.29
N LYS B 464 -20.45 -0.72 31.62
CA LYS B 464 -19.10 -1.05 32.02
C LYS B 464 -18.21 -1.30 30.80
N LEU B 465 -17.21 -0.44 30.62
CA LEU B 465 -16.28 -0.56 29.51
C LEU B 465 -14.87 -0.14 29.94
N ASP B 466 -14.36 -0.80 30.98
CA ASP B 466 -13.03 -0.50 31.51
C ASP B 466 -11.97 -0.54 30.41
N HIS B 467 -11.08 0.45 30.43
CA HIS B 467 -10.01 0.54 29.44
C HIS B 467 -9.14 -0.73 29.45
N TYR B 468 -8.78 -1.19 28.26
CA TYR B 468 -7.95 -2.39 28.14
C TYR B 468 -6.68 -2.29 28.97
N PHE B 469 -6.08 -1.10 28.98
CA PHE B 469 -4.85 -0.89 29.74
C PHE B 469 -5.08 -0.24 31.11
N ILE B 470 -6.14 0.55 31.28
CA ILE B 470 -6.39 1.24 32.56
C ILE B 470 -7.67 0.71 33.17
N PRO B 471 -7.62 -0.33 33.98
CA PRO B 471 -8.89 -0.94 34.45
C PRO B 471 -9.79 0.05 35.14
N LYS B 472 -9.28 0.89 36.00
CA LYS B 472 -10.16 1.80 36.68
C LYS B 472 -10.95 2.76 35.83
N PHE B 473 -10.49 3.04 34.64
CA PHE B 473 -11.21 3.96 33.75
C PHE B 473 -12.31 3.23 32.97
N ASN B 474 -13.58 3.38 33.40
CA ASN B 474 -14.70 2.73 32.72
C ASN B 474 -15.18 3.61 31.56
N LEU B 475 -15.03 3.12 30.33
CA LEU B 475 -15.35 3.91 29.15
C LEU B 475 -16.85 4.17 29.01
N PHE B 476 -17.68 3.38 29.68
CA PHE B 476 -19.14 3.55 29.61
C PHE B 476 -19.71 4.14 30.89
N SER B 477 -18.88 4.88 31.63
CA SER B 477 -19.36 5.71 32.71
C SER B 477 -20.55 6.55 32.27
N GLN B 478 -21.49 6.76 33.21
CA GLN B 478 -22.60 7.66 32.93
C GLN B 478 -22.12 9.10 32.83
N GLU B 479 -21.02 9.42 33.51
CA GLU B 479 -20.38 10.71 33.25
C GLU B 479 -20.07 10.86 31.78
N LEU B 480 -19.49 9.82 31.17
CA LEU B 480 -19.00 9.92 29.80
C LEU B 480 -20.12 9.75 28.78
N ILE B 481 -21.07 8.85 29.04
CA ILE B 481 -22.12 8.54 28.07
C ILE B 481 -23.45 8.45 28.79
N ASP B 482 -24.41 9.25 28.33
CA ASP B 482 -25.76 9.20 28.88
C ASP B 482 -26.35 7.82 28.67
N ARG B 483 -27.17 7.38 29.62
CA ARG B 483 -27.84 6.10 29.47
C ARG B 483 -28.80 6.08 28.28
N LYS B 484 -29.28 7.24 27.83
CA LYS B 484 -30.12 7.33 26.62
C LYS B 484 -29.44 6.72 25.40
N SER B 485 -28.15 7.03 25.20
CA SER B 485 -27.48 6.58 24.00
C SER B 485 -27.11 5.09 24.07
N LYS B 486 -26.84 4.58 25.27
CA LYS B 486 -26.62 3.15 25.46
C LYS B 486 -27.86 2.34 25.10
N GLU B 487 -29.03 2.72 25.64
CA GLU B 487 -30.25 2.00 25.30
C GLU B 487 -30.58 2.14 23.82
N PHE B 488 -30.37 3.34 23.28
CA PHE B 488 -30.59 3.58 21.85
C PHE B 488 -29.71 2.69 20.99
N LEU B 489 -28.40 2.63 21.31
CA LEU B 489 -27.49 1.73 20.60
C LEU B 489 -27.95 0.28 20.74
N SER B 490 -28.30 -0.12 21.96
CA SER B 490 -28.72 -1.50 22.19
C SER B 490 -29.88 -1.89 21.28
N LYS B 491 -30.84 -1.00 21.10
CA LYS B 491 -31.95 -1.30 20.20
C LYS B 491 -31.46 -1.56 18.78
N LYS B 492 -30.67 -0.65 18.21
CA LYS B 492 -30.19 -0.81 16.84
C LYS B 492 -29.36 -2.07 16.68
N ILE B 493 -28.48 -2.35 17.64
CA ILE B 493 -27.68 -3.57 17.53
C ILE B 493 -28.58 -4.78 17.69
N GLU B 494 -29.55 -4.71 18.61
CA GLU B 494 -30.51 -5.80 18.70
C GLU B 494 -31.29 -5.95 17.40
N TYR B 495 -31.90 -4.87 16.95
CA TYR B 495 -32.75 -4.95 15.76
C TYR B 495 -32.01 -5.52 14.56
N GLU B 496 -30.76 -5.11 14.35
CA GLU B 496 -29.99 -5.66 13.23
C GLU B 496 -29.70 -7.14 13.44
N ARG B 497 -29.46 -7.54 14.70
CA ARG B 497 -29.03 -8.90 15.02
C ARG B 497 -30.17 -9.91 14.94
N ASN B 498 -31.33 -9.55 15.47
CA ASN B 498 -32.53 -10.36 15.29
C ASN B 498 -32.89 -10.57 13.84
N ASN B 499 -32.23 -9.90 12.90
CA ASN B 499 -32.86 -9.75 11.61
C ASN B 499 -31.88 -9.92 10.45
N GLY B 500 -30.83 -10.71 10.64
CA GLY B 500 -29.88 -10.89 9.55
C GLY B 500 -29.28 -9.60 9.04
N PHE B 501 -29.09 -8.60 9.93
CA PHE B 501 -28.37 -7.36 9.68
C PHE B 501 -28.75 -6.75 8.34
N PRO B 502 -29.97 -6.21 8.24
CA PRO B 502 -30.38 -5.58 6.98
C PRO B 502 -29.52 -4.38 6.62
N ILE B 503 -28.86 -3.75 7.60
CA ILE B 503 -27.95 -2.66 7.34
C ILE B 503 -26.75 -3.07 6.50
N PHE B 504 -26.51 -4.37 6.35
CA PHE B 504 -25.44 -4.84 5.48
C PHE B 504 -25.88 -5.03 4.03
N ASP B 505 -27.17 -4.84 3.74
CA ASP B 505 -27.70 -5.13 2.41
C ASP B 505 -27.26 -4.06 1.41
N LYS B 506 -26.14 -4.33 0.74
CA LYS B 506 -25.70 -3.62 -0.47
C LYS B 506 -25.34 -4.69 -1.49
N LEU B 507 -26.17 -4.80 -2.54
CA LEU B 507 -26.13 -5.83 -3.60
C LEU B 507 -24.99 -6.82 -3.48
#